data_5QST
#
_entry.id   5QST
#
_cell.length_a   66.598
_cell.length_b   72.046
_cell.length_c   118.412
_cell.angle_alpha   94.810
_cell.angle_beta   98.610
_cell.angle_gamma   115.220
#
_symmetry.space_group_name_H-M   'P 1'
#
loop_
_entity.id
_entity.type
_entity.pdbx_description
1 polymer 'Cohesin subunit SA-1'
2 non-polymer (3S)-N-methyl-N-phenylpyrrolidine-3-carboxamide
3 water water
#
_entity_poly.entity_id   1
_entity_poly.type   'polypeptide(L)'
_entity_poly.pdbx_seq_one_letter_code
;SMGGTLFEVVKLGKSAMQSVVDDWIESYKQDRDIALLDLINFFIQCSGCRGTVRIEMFRNMQNAEIIRKMTEEFDEDSGD
YPLTMPGPQWKKFRSNFCEFIGVLIRQCQYSIIYDEYMMDTVISLLTGLSDSQVRAFRHTSTLAAMKLMTALVNVALNLS
IHQDNTQRQYEAERNKMIGKRANERLELLLQKRKELQENQDEIENMMNSIFKGIFVHRYRDAIAEIRAICIEEIGVWMKM
YSDAFLNDSYLKYVGWTLHDRQGEVRLKCLKALQSLYTNRELFPKLELFTNRFKDRIVSMTLDKEYDVAVEAIRLVTLIL
HGSEEALSNEDCENVYHLV
;
_entity_poly.pdbx_strand_id   C,A,B,D
#
loop_
_chem_comp.id
_chem_comp.type
_chem_comp.name
_chem_comp.formula
O3A non-polymer (3S)-N-methyl-N-phenylpyrrolidine-3-carboxamide 'C12 H16 N2 O'
#
# COMPACT_ATOMS: atom_id res chain seq x y z
N GLY A 4 -42.79 -30.47 0.98
CA GLY A 4 -44.21 -29.98 0.98
C GLY A 4 -44.46 -28.97 -0.13
N THR A 5 -44.94 -27.78 0.23
CA THR A 5 -45.22 -26.64 -0.70
C THR A 5 -43.87 -26.08 -1.19
N LEU A 6 -43.84 -25.39 -2.33
CA LEU A 6 -42.60 -24.82 -2.91
C LEU A 6 -41.99 -23.81 -1.94
N PHE A 7 -42.82 -22.92 -1.38
CA PHE A 7 -42.44 -21.92 -0.33
C PHE A 7 -41.76 -22.62 0.85
N GLU A 8 -42.23 -23.81 1.23
CA GLU A 8 -41.77 -24.57 2.43
C GLU A 8 -40.37 -25.17 2.15
N VAL A 9 -40.15 -25.68 0.94
CA VAL A 9 -38.87 -26.31 0.52
C VAL A 9 -37.80 -25.23 0.31
N VAL A 10 -38.19 -24.04 -0.15
CA VAL A 10 -37.28 -22.88 -0.40
C VAL A 10 -36.88 -22.26 0.95
N LYS A 11 -37.88 -22.03 1.81
CA LYS A 11 -37.71 -21.55 3.21
C LYS A 11 -37.32 -22.74 4.08
N LEU A 12 -36.07 -23.19 3.96
CA LEU A 12 -35.53 -24.48 4.48
C LEU A 12 -34.58 -25.04 3.41
N GLY A 13 -33.41 -24.42 3.26
CA GLY A 13 -32.46 -24.69 2.17
C GLY A 13 -31.61 -25.92 2.46
N LYS A 14 -32.24 -27.10 2.55
CA LYS A 14 -31.54 -28.41 2.66
C LYS A 14 -30.87 -28.72 1.32
N SER A 15 -29.54 -28.68 1.27
CA SER A 15 -28.76 -29.21 0.13
C SER A 15 -29.00 -30.71 -0.01
N ALA A 16 -28.74 -31.27 -1.19
CA ALA A 16 -28.82 -32.73 -1.46
C ALA A 16 -27.98 -33.49 -0.44
N MET A 17 -26.89 -32.89 0.04
CA MET A 17 -25.95 -33.49 1.04
C MET A 17 -26.66 -33.60 2.40
N GLN A 18 -27.22 -32.49 2.90
CA GLN A 18 -27.97 -32.44 4.18
C GLN A 18 -29.16 -33.39 4.12
N SER A 19 -29.87 -33.41 2.99
CA SER A 19 -31.06 -34.27 2.74
C SER A 19 -30.67 -35.75 2.80
N VAL A 20 -29.54 -36.12 2.21
CA VAL A 20 -29.12 -37.55 2.06
C VAL A 20 -28.45 -38.03 3.36
N VAL A 21 -27.88 -37.11 4.15
CA VAL A 21 -27.33 -37.42 5.51
C VAL A 21 -28.50 -37.62 6.48
N ASP A 22 -29.56 -36.81 6.35
CA ASP A 22 -30.82 -36.95 7.13
C ASP A 22 -31.47 -38.31 6.83
N ASP A 23 -31.51 -38.72 5.56
CA ASP A 23 -32.08 -40.03 5.13
C ASP A 23 -31.21 -41.17 5.68
N TRP A 24 -29.89 -41.02 5.60
CA TRP A 24 -28.90 -42.02 6.08
C TRP A 24 -29.07 -42.26 7.58
N ILE A 25 -29.33 -41.19 8.34
CA ILE A 25 -29.53 -41.23 9.81
C ILE A 25 -30.81 -41.99 10.13
N GLU A 26 -31.90 -41.73 9.39
CA GLU A 26 -33.20 -42.46 9.52
C GLU A 26 -32.97 -43.94 9.20
N SER A 27 -32.19 -44.23 8.15
CA SER A 27 -31.81 -45.61 7.71
C SER A 27 -30.94 -46.28 8.78
N TYR A 28 -30.04 -45.53 9.42
CA TYR A 28 -29.13 -46.03 10.48
C TYR A 28 -29.94 -46.48 11.70
N LYS A 29 -31.03 -45.78 12.00
CA LYS A 29 -31.90 -46.03 13.18
C LYS A 29 -32.78 -47.27 12.94
N GLN A 30 -33.19 -47.52 11.69
CA GLN A 30 -33.93 -48.75 11.30
C GLN A 30 -32.98 -49.95 11.33
N ASP A 31 -31.82 -49.83 10.67
CA ASP A 31 -30.84 -50.94 10.47
C ASP A 31 -29.43 -50.35 10.37
N ARG A 32 -28.67 -50.39 11.47
CA ARG A 32 -27.27 -49.90 11.56
C ARG A 32 -26.41 -50.58 10.49
N ASP A 33 -26.63 -51.88 10.26
CA ASP A 33 -25.77 -52.73 9.39
C ASP A 33 -25.86 -52.26 7.93
N ILE A 34 -27.05 -52.10 7.36
CA ILE A 34 -27.25 -51.72 5.93
C ILE A 34 -26.77 -50.28 5.74
N ALA A 35 -26.96 -49.42 6.75
CA ALA A 35 -26.54 -48.01 6.75
C ALA A 35 -25.01 -47.93 6.65
N LEU A 36 -24.30 -48.60 7.58
CA LEU A 36 -22.81 -48.66 7.60
C LEU A 36 -22.29 -49.31 6.31
N LEU A 37 -23.00 -50.31 5.77
CA LEU A 37 -22.65 -50.97 4.49
C LEU A 37 -22.68 -49.93 3.37
N ASP A 38 -23.72 -49.09 3.34
CA ASP A 38 -23.88 -48.00 2.33
C ASP A 38 -22.77 -46.97 2.53
N LEU A 39 -22.42 -46.65 3.78
CA LEU A 39 -21.37 -45.66 4.12
C LEU A 39 -20.00 -46.22 3.73
N ILE A 40 -19.77 -47.52 3.93
CA ILE A 40 -18.52 -48.22 3.50
C ILE A 40 -18.43 -48.15 1.97
N ASN A 41 -19.50 -48.53 1.27
CA ASN A 41 -19.59 -48.52 -0.22
C ASN A 41 -19.33 -47.12 -0.75
N PHE A 42 -19.82 -46.08 -0.06
CA PHE A 42 -19.60 -44.64 -0.42
C PHE A 42 -18.10 -44.35 -0.52
N PHE A 43 -17.32 -44.73 0.50
CA PHE A 43 -15.87 -44.47 0.58
C PHE A 43 -15.13 -45.30 -0.47
N ILE A 44 -15.64 -46.50 -0.77
CA ILE A 44 -15.10 -47.40 -1.84
C ILE A 44 -15.34 -46.73 -3.19
N GLN A 45 -16.59 -46.36 -3.49
CA GLN A 45 -17.01 -45.68 -4.76
C GLN A 45 -16.23 -44.36 -4.94
N CYS A 46 -15.99 -43.63 -3.85
CA CYS A 46 -15.32 -42.30 -3.84
C CYS A 46 -13.83 -42.41 -4.24
N SER A 47 -13.25 -43.61 -4.11
CA SER A 47 -11.86 -43.93 -4.55
C SER A 47 -11.83 -44.32 -6.03
N GLY A 48 -13.01 -44.45 -6.66
CA GLY A 48 -13.16 -44.91 -8.05
C GLY A 48 -13.11 -46.43 -8.15
N CYS A 49 -13.09 -47.13 -7.01
CA CYS A 49 -13.14 -48.60 -6.92
C CYS A 49 -14.50 -49.08 -7.45
N ARG A 50 -14.50 -50.07 -8.36
CA ARG A 50 -15.67 -50.49 -9.16
C ARG A 50 -16.48 -51.56 -8.40
N GLY A 51 -15.86 -52.23 -7.42
CA GLY A 51 -16.53 -53.23 -6.56
C GLY A 51 -17.43 -52.57 -5.53
N THR A 52 -18.31 -53.35 -4.89
CA THR A 52 -19.15 -52.91 -3.74
C THR A 52 -19.36 -54.10 -2.77
N VAL A 53 -19.26 -53.81 -1.48
CA VAL A 53 -19.45 -54.78 -0.36
C VAL A 53 -20.95 -55.09 -0.24
N ARG A 54 -21.30 -56.37 -0.06
CA ARG A 54 -22.67 -56.85 0.25
C ARG A 54 -22.73 -57.18 1.75
N ILE A 55 -23.92 -57.37 2.32
CA ILE A 55 -24.09 -57.50 3.81
C ILE A 55 -23.33 -58.73 4.29
N GLU A 56 -23.32 -59.82 3.51
CA GLU A 56 -22.68 -61.11 3.90
C GLU A 56 -21.19 -60.88 4.15
N MET A 57 -20.51 -60.09 3.31
CA MET A 57 -19.08 -59.73 3.46
C MET A 57 -18.92 -58.89 4.74
N PHE A 58 -19.73 -57.84 4.88
CA PHE A 58 -19.71 -56.88 6.01
C PHE A 58 -19.82 -57.64 7.35
N ARG A 59 -20.80 -58.54 7.44
CA ARG A 59 -21.20 -59.22 8.70
C ARG A 59 -20.19 -60.32 9.08
N ASN A 60 -19.42 -60.83 8.11
CA ASN A 60 -18.53 -62.01 8.30
C ASN A 60 -17.06 -61.60 8.15
N MET A 61 -16.68 -61.01 7.00
CA MET A 61 -15.26 -60.68 6.65
C MET A 61 -14.76 -59.50 7.49
N GLN A 62 -13.46 -59.52 7.83
CA GLN A 62 -12.73 -58.41 8.50
C GLN A 62 -12.45 -57.30 7.45
N ASN A 63 -12.23 -56.07 7.90
CA ASN A 63 -11.94 -54.89 7.02
C ASN A 63 -10.72 -55.19 6.14
N ALA A 64 -9.73 -55.92 6.67
CA ALA A 64 -8.50 -56.31 5.95
C ALA A 64 -8.85 -57.13 4.71
N GLU A 65 -9.76 -58.11 4.86
CA GLU A 65 -10.21 -59.00 3.76
C GLU A 65 -11.05 -58.20 2.76
N ILE A 66 -11.99 -57.39 3.24
CA ILE A 66 -12.87 -56.52 2.39
C ILE A 66 -11.97 -55.67 1.48
N ILE A 67 -10.94 -55.04 2.05
CA ILE A 67 -10.03 -54.10 1.33
C ILE A 67 -9.19 -54.88 0.32
N ARG A 68 -8.71 -56.08 0.68
CA ARG A 68 -7.95 -57.00 -0.23
C ARG A 68 -8.84 -57.36 -1.43
N LYS A 69 -10.12 -57.66 -1.19
CA LYS A 69 -11.07 -58.11 -2.24
C LYS A 69 -11.47 -56.92 -3.13
N MET A 70 -11.67 -55.73 -2.54
CA MET A 70 -12.02 -54.49 -3.27
C MET A 70 -10.80 -53.97 -4.05
N THR A 71 -9.59 -54.23 -3.56
CA THR A 71 -8.29 -53.86 -4.21
C THR A 71 -8.21 -54.51 -5.60
N GLU A 72 -8.65 -55.76 -5.72
CA GLU A 72 -8.60 -56.58 -6.98
C GLU A 72 -9.51 -55.95 -8.04
N GLU A 73 -10.62 -55.33 -7.64
CA GLU A 73 -11.64 -54.73 -8.55
C GLU A 73 -11.27 -53.27 -8.85
N PHE A 74 -10.06 -53.03 -9.40
CA PHE A 74 -9.58 -51.68 -9.80
C PHE A 74 -9.23 -51.67 -11.30
N ASP A 75 -9.99 -50.88 -12.07
CA ASP A 75 -9.76 -50.60 -13.51
C ASP A 75 -8.55 -49.69 -13.66
N ASP A 80 -6.00 -42.81 -11.62
CA ASP A 80 -7.01 -41.84 -12.13
C ASP A 80 -8.35 -42.12 -11.44
N TYR A 81 -8.63 -41.40 -10.35
CA TYR A 81 -9.79 -41.60 -9.43
C TYR A 81 -10.50 -40.26 -9.25
N PRO A 82 -11.71 -40.21 -8.63
CA PRO A 82 -12.51 -38.99 -8.58
C PRO A 82 -11.74 -37.72 -8.15
N LEU A 83 -10.84 -37.85 -7.17
CA LEU A 83 -10.15 -36.69 -6.52
C LEU A 83 -9.07 -36.09 -7.45
N THR A 84 -8.57 -36.85 -8.44
CA THR A 84 -7.54 -36.38 -9.42
C THR A 84 -8.21 -35.92 -10.72
N MET A 85 -9.44 -36.38 -10.98
CA MET A 85 -10.16 -36.17 -12.27
C MET A 85 -10.15 -34.69 -12.64
N PRO A 86 -9.70 -34.32 -13.87
CA PRO A 86 -10.07 -33.05 -14.47
C PRO A 86 -11.40 -33.22 -15.22
N GLY A 87 -12.04 -32.11 -15.58
CA GLY A 87 -13.35 -32.08 -16.26
C GLY A 87 -14.38 -31.30 -15.45
N PRO A 88 -15.40 -30.70 -16.10
CA PRO A 88 -16.42 -29.92 -15.39
C PRO A 88 -17.27 -30.73 -14.40
N GLN A 89 -17.45 -32.03 -14.66
CA GLN A 89 -18.36 -32.92 -13.90
C GLN A 89 -17.69 -33.45 -12.62
N TRP A 90 -16.41 -33.13 -12.38
CA TRP A 90 -15.66 -33.51 -11.14
C TRP A 90 -15.09 -32.28 -10.42
N LYS A 91 -15.25 -31.07 -10.97
CA LYS A 91 -14.75 -29.79 -10.39
C LYS A 91 -15.03 -29.75 -8.88
N LYS A 92 -16.30 -29.91 -8.50
CA LYS A 92 -16.82 -29.65 -7.12
C LYS A 92 -16.74 -30.91 -6.24
N PHE A 93 -16.25 -32.04 -6.75
CA PHE A 93 -16.26 -33.34 -6.04
C PHE A 93 -15.51 -33.23 -4.71
N ARG A 94 -14.25 -32.76 -4.74
CA ARG A 94 -13.39 -32.66 -3.54
C ARG A 94 -14.11 -31.83 -2.47
N SER A 95 -14.59 -30.64 -2.85
CA SER A 95 -15.34 -29.70 -1.98
C SER A 95 -16.60 -30.38 -1.42
N ASN A 96 -17.29 -31.18 -2.24
CA ASN A 96 -18.54 -31.88 -1.88
C ASN A 96 -18.23 -33.04 -0.92
N PHE A 97 -17.25 -33.88 -1.28
CA PHE A 97 -16.77 -35.03 -0.48
C PHE A 97 -16.41 -34.56 0.95
N CYS A 98 -15.77 -33.39 1.03
CA CYS A 98 -15.31 -32.76 2.31
C CYS A 98 -16.49 -32.28 3.14
N GLU A 99 -17.46 -31.61 2.50
CA GLU A 99 -18.65 -31.04 3.17
C GLU A 99 -19.56 -32.17 3.67
N PHE A 100 -19.68 -33.25 2.90
CA PHE A 100 -20.50 -34.44 3.23
C PHE A 100 -20.08 -34.99 4.60
N ILE A 101 -18.76 -35.16 4.81
CA ILE A 101 -18.18 -35.70 6.08
C ILE A 101 -18.47 -34.74 7.23
N GLY A 102 -18.34 -33.42 7.00
CA GLY A 102 -18.69 -32.37 7.97
C GLY A 102 -20.16 -32.45 8.35
N VAL A 103 -21.05 -32.50 7.35
CA VAL A 103 -22.53 -32.60 7.55
C VAL A 103 -22.84 -33.90 8.29
N LEU A 104 -22.32 -35.03 7.80
CA LEU A 104 -22.57 -36.38 8.38
C LEU A 104 -22.36 -36.34 9.89
N ILE A 105 -21.19 -35.88 10.33
CA ILE A 105 -20.76 -35.95 11.75
C ILE A 105 -21.44 -34.85 12.56
N ARG A 106 -21.58 -33.64 12.02
CA ARG A 106 -22.34 -32.53 12.66
C ARG A 106 -23.72 -33.06 13.08
N GLN A 107 -24.37 -33.84 12.21
CA GLN A 107 -25.75 -34.38 12.38
C GLN A 107 -25.76 -35.51 13.40
N CYS A 108 -24.71 -36.34 13.43
CA CYS A 108 -24.60 -37.54 14.30
C CYS A 108 -23.99 -37.19 15.66
N GLN A 109 -23.74 -35.90 15.94
CA GLN A 109 -22.81 -35.46 17.01
C GLN A 109 -23.41 -35.64 18.40
N TYR A 110 -24.75 -35.74 18.53
CA TYR A 110 -25.46 -35.73 19.84
C TYR A 110 -25.86 -37.15 20.26
N SER A 111 -25.98 -38.11 19.33
CA SER A 111 -26.37 -39.52 19.64
C SER A 111 -25.39 -40.51 19.01
N ILE A 112 -25.48 -40.71 17.69
CA ILE A 112 -24.89 -41.88 16.96
C ILE A 112 -23.36 -41.91 17.16
N ILE A 113 -22.71 -40.75 17.15
CA ILE A 113 -21.23 -40.62 17.25
C ILE A 113 -20.74 -41.38 18.49
N TYR A 114 -21.50 -41.35 19.58
CA TYR A 114 -21.15 -41.92 20.92
C TYR A 114 -21.56 -43.39 21.02
N ASP A 115 -22.43 -43.88 20.14
CA ASP A 115 -22.66 -45.33 19.95
C ASP A 115 -21.33 -45.91 19.46
N GLU A 116 -20.88 -47.03 20.03
CA GLU A 116 -19.50 -47.54 19.87
C GLU A 116 -19.36 -48.36 18.58
N TYR A 117 -20.28 -48.18 17.62
CA TYR A 117 -20.36 -49.02 16.39
C TYR A 117 -20.04 -48.19 15.13
N MET A 118 -20.60 -46.99 15.00
CA MET A 118 -20.56 -46.18 13.75
C MET A 118 -19.14 -45.62 13.52
N MET A 119 -18.63 -44.82 14.46
CA MET A 119 -17.32 -44.12 14.33
C MET A 119 -16.18 -45.15 14.28
N ASP A 120 -16.32 -46.27 14.99
CA ASP A 120 -15.30 -47.36 15.02
C ASP A 120 -15.22 -48.03 13.64
N THR A 121 -16.36 -48.23 12.98
CA THR A 121 -16.46 -48.85 11.63
C THR A 121 -15.77 -47.97 10.61
N VAL A 122 -16.15 -46.68 10.55
CA VAL A 122 -15.60 -45.67 9.60
C VAL A 122 -14.08 -45.58 9.78
N ILE A 123 -13.63 -45.26 10.99
CA ILE A 123 -12.19 -45.01 11.32
C ILE A 123 -11.36 -46.25 10.94
N SER A 124 -11.87 -47.45 11.25
CA SER A 124 -11.19 -48.74 10.94
C SER A 124 -11.08 -48.92 9.42
N LEU A 125 -12.15 -48.62 8.68
CA LEU A 125 -12.16 -48.66 7.19
C LEU A 125 -11.12 -47.66 6.67
N LEU A 126 -11.18 -46.40 7.14
CA LEU A 126 -10.31 -45.30 6.69
C LEU A 126 -8.84 -45.62 7.01
N THR A 127 -8.55 -46.14 8.21
CA THR A 127 -7.18 -46.57 8.61
C THR A 127 -6.69 -47.66 7.66
N GLY A 128 -7.54 -48.66 7.37
CA GLY A 128 -7.24 -49.78 6.45
C GLY A 128 -6.92 -49.28 5.05
N LEU A 129 -7.75 -48.38 4.52
CA LEU A 129 -7.61 -47.80 3.16
C LEU A 129 -6.39 -46.86 3.11
N SER A 130 -5.98 -46.30 4.25
CA SER A 130 -4.81 -45.40 4.37
C SER A 130 -3.50 -46.20 4.37
N ASP A 131 -3.57 -47.52 4.52
CA ASP A 131 -2.39 -48.45 4.45
C ASP A 131 -2.35 -49.15 3.08
N SER A 132 -3.32 -48.87 2.20
CA SER A 132 -3.43 -49.52 0.86
C SER A 132 -2.26 -49.12 -0.03
N GLN A 133 -1.80 -50.04 -0.89
CA GLN A 133 -0.80 -49.76 -1.95
C GLN A 133 -1.42 -48.86 -3.01
N VAL A 134 -2.74 -48.93 -3.20
CA VAL A 134 -3.47 -48.15 -4.24
C VAL A 134 -3.55 -46.69 -3.77
N ARG A 135 -2.93 -45.80 -4.55
CA ARG A 135 -2.87 -44.33 -4.36
C ARG A 135 -4.29 -43.76 -4.20
N ALA A 136 -5.23 -44.21 -5.03
CA ALA A 136 -6.66 -43.80 -5.01
C ALA A 136 -7.26 -43.97 -3.62
N PHE A 137 -7.03 -45.14 -3.01
CA PHE A 137 -7.52 -45.50 -1.65
C PHE A 137 -6.85 -44.61 -0.59
N ARG A 138 -5.51 -44.52 -0.64
CA ARG A 138 -4.71 -43.74 0.34
C ARG A 138 -5.13 -42.26 0.27
N HIS A 139 -5.24 -41.68 -0.93
CA HIS A 139 -5.61 -40.25 -1.13
C HIS A 139 -7.02 -40.01 -0.56
N THR A 140 -8.01 -40.80 -0.99
CA THR A 140 -9.44 -40.62 -0.63
C THR A 140 -9.64 -40.78 0.88
N SER A 141 -9.09 -41.85 1.46
CA SER A 141 -9.26 -42.22 2.90
C SER A 141 -8.60 -41.16 3.80
N THR A 142 -7.40 -40.69 3.44
CA THR A 142 -6.63 -39.71 4.24
C THR A 142 -7.38 -38.37 4.27
N LEU A 143 -7.73 -37.82 3.10
CA LEU A 143 -8.51 -36.56 3.00
C LEU A 143 -9.78 -36.70 3.86
N ALA A 144 -10.44 -37.87 3.79
CA ALA A 144 -11.66 -38.18 4.56
C ALA A 144 -11.36 -38.14 6.06
N ALA A 145 -10.27 -38.79 6.49
CA ALA A 145 -9.83 -38.87 7.91
C ALA A 145 -9.46 -37.47 8.43
N MET A 146 -8.79 -36.65 7.60
CA MET A 146 -8.37 -35.28 7.98
C MET A 146 -9.61 -34.40 8.21
N LYS A 147 -10.60 -34.48 7.31
CA LYS A 147 -11.89 -33.74 7.46
C LYS A 147 -12.70 -34.34 8.61
N LEU A 148 -12.57 -35.64 8.84
CA LEU A 148 -13.24 -36.35 9.96
C LEU A 148 -12.74 -35.75 11.28
N MET A 149 -11.42 -35.79 11.49
CA MET A 149 -10.77 -35.25 12.71
C MET A 149 -11.29 -33.84 12.99
N THR A 150 -11.31 -32.97 11.97
CA THR A 150 -11.77 -31.55 12.07
C THR A 150 -13.25 -31.51 12.47
N ALA A 151 -14.07 -32.42 11.93
CA ALA A 151 -15.50 -32.56 12.29
C ALA A 151 -15.61 -32.85 13.79
N LEU A 152 -14.81 -33.79 14.29
CA LEU A 152 -14.74 -34.21 15.72
C LEU A 152 -14.22 -33.05 16.58
N VAL A 153 -13.22 -32.30 16.11
CA VAL A 153 -12.67 -31.12 16.84
C VAL A 153 -13.79 -30.09 17.05
N ASN A 154 -14.67 -29.91 16.06
CA ASN A 154 -15.84 -29.00 16.16
C ASN A 154 -16.84 -29.57 17.18
N VAL A 155 -17.01 -30.89 17.23
CA VAL A 155 -17.87 -31.59 18.23
C VAL A 155 -17.33 -31.26 19.64
N ALA A 156 -16.03 -31.44 19.86
CA ALA A 156 -15.32 -31.14 21.13
C ALA A 156 -15.54 -29.67 21.52
N LEU A 157 -15.39 -28.75 20.57
CA LEU A 157 -15.61 -27.29 20.77
C LEU A 157 -17.05 -27.05 21.25
N ASN A 158 -18.03 -27.74 20.67
CA ASN A 158 -19.46 -27.62 21.04
C ASN A 158 -19.68 -28.18 22.45
N LEU A 159 -19.12 -29.35 22.76
CA LEU A 159 -19.17 -29.97 24.12
C LEU A 159 -18.67 -28.96 25.15
N SER A 160 -17.50 -28.36 24.92
CA SER A 160 -16.83 -27.40 25.83
C SER A 160 -17.82 -26.30 26.25
N ILE A 161 -18.60 -25.75 25.31
CA ILE A 161 -19.62 -24.70 25.59
C ILE A 161 -20.65 -25.28 26.57
N HIS A 162 -21.21 -26.45 26.27
CA HIS A 162 -22.22 -27.15 27.11
C HIS A 162 -21.61 -27.51 28.47
N GLN A 163 -20.34 -27.90 28.50
CA GLN A 163 -19.60 -28.24 29.75
C GLN A 163 -19.48 -27.00 30.64
N ASP A 164 -19.22 -25.82 30.06
CA ASP A 164 -19.08 -24.53 30.79
C ASP A 164 -20.43 -24.14 31.39
N ASN A 165 -21.53 -24.35 30.67
CA ASN A 165 -22.90 -23.96 31.11
C ASN A 165 -23.37 -24.93 32.19
N THR A 166 -23.14 -26.24 32.00
CA THR A 166 -23.42 -27.30 33.00
C THR A 166 -22.59 -27.04 34.27
N GLN A 167 -21.38 -26.50 34.12
CA GLN A 167 -20.46 -26.15 35.25
C GLN A 167 -21.01 -24.95 36.02
N ARG A 168 -21.39 -23.88 35.30
CA ARG A 168 -21.95 -22.62 35.90
C ARG A 168 -23.24 -22.94 36.65
N GLN A 169 -24.07 -23.83 36.09
CA GLN A 169 -25.39 -24.23 36.65
C GLN A 169 -25.19 -25.07 37.92
N TYR A 170 -24.19 -25.96 37.92
CA TYR A 170 -23.83 -26.82 39.08
C TYR A 170 -23.30 -25.93 40.22
N GLU A 171 -22.51 -24.90 39.88
CA GLU A 171 -21.90 -23.93 40.84
C GLU A 171 -23.02 -23.19 41.58
N ALA A 172 -24.00 -22.67 40.83
CA ALA A 172 -25.14 -21.87 41.33
C ALA A 172 -26.04 -22.72 42.24
N GLU A 173 -26.06 -24.04 42.02
CA GLU A 173 -26.89 -25.01 42.80
C GLU A 173 -26.09 -25.55 43.99
N ARG A 174 -24.81 -25.91 43.79
CA ARG A 174 -23.91 -26.39 44.88
C ARG A 174 -23.90 -25.35 46.00
N ASN A 175 -23.75 -24.08 45.63
CA ASN A 175 -23.81 -22.90 46.53
C ASN A 175 -25.19 -22.82 47.19
N LYS A 176 -26.24 -22.71 46.39
CA LYS A 176 -27.64 -22.47 46.85
C LYS A 176 -28.02 -23.46 47.95
N MET A 177 -27.52 -24.70 47.88
CA MET A 177 -27.65 -25.71 48.96
C MET A 177 -26.66 -25.38 50.08
N ILE A 178 -25.54 -26.10 50.20
CA ILE A 178 -24.51 -25.95 51.28
C ILE A 178 -25.19 -26.06 52.65
N GLY A 179 -24.88 -27.11 53.40
CA GLY A 179 -25.53 -27.44 54.68
C GLY A 179 -26.86 -28.15 54.48
N LYS A 180 -27.31 -28.29 53.23
CA LYS A 180 -28.57 -28.98 52.84
C LYS A 180 -28.24 -30.29 52.13
N ARG A 181 -29.00 -31.35 52.39
CA ARG A 181 -28.91 -32.65 51.67
C ARG A 181 -28.98 -32.37 50.17
N ALA A 182 -28.02 -32.90 49.40
CA ALA A 182 -27.89 -32.71 47.94
C ALA A 182 -29.17 -33.18 47.25
N ASN A 183 -29.99 -32.24 46.77
CA ASN A 183 -31.35 -32.48 46.20
C ASN A 183 -31.20 -33.16 44.83
N GLU A 184 -32.30 -33.28 44.07
CA GLU A 184 -32.34 -33.96 42.75
C GLU A 184 -31.53 -33.15 41.72
N ARG A 185 -31.77 -31.84 41.64
CA ARG A 185 -31.16 -30.93 40.62
C ARG A 185 -29.62 -31.06 40.66
N LEU A 186 -29.04 -31.20 41.86
CA LEU A 186 -27.56 -31.25 42.06
C LEU A 186 -27.02 -32.62 41.63
N GLU A 187 -27.83 -33.68 41.72
CA GLU A 187 -27.46 -35.07 41.31
C GLU A 187 -27.58 -35.20 39.78
N LEU A 188 -28.58 -34.55 39.16
CA LEU A 188 -28.74 -34.47 37.68
C LEU A 188 -27.55 -33.72 37.08
N LEU A 189 -27.27 -32.52 37.60
CA LEU A 189 -26.19 -31.62 37.12
C LEU A 189 -24.81 -32.30 37.31
N LEU A 190 -24.60 -32.95 38.46
CA LEU A 190 -23.35 -33.70 38.77
C LEU A 190 -23.21 -34.91 37.81
N GLN A 191 -24.34 -35.46 37.34
CA GLN A 191 -24.36 -36.60 36.37
C GLN A 191 -24.20 -36.05 34.95
N LYS A 192 -24.92 -34.99 34.60
CA LYS A 192 -24.79 -34.24 33.32
C LYS A 192 -23.30 -33.95 33.07
N ARG A 193 -22.59 -33.49 34.10
CA ARG A 193 -21.19 -33.03 34.03
C ARG A 193 -20.24 -34.22 33.79
N LYS A 194 -20.48 -35.34 34.46
CA LYS A 194 -19.73 -36.62 34.23
C LYS A 194 -19.94 -37.06 32.77
N GLU A 195 -21.20 -37.07 32.32
CA GLU A 195 -21.60 -37.52 30.96
C GLU A 195 -20.82 -36.73 29.91
N LEU A 196 -20.87 -35.39 29.98
CA LEU A 196 -20.25 -34.47 28.98
C LEU A 196 -18.74 -34.70 28.95
N GLN A 197 -18.09 -34.90 30.11
CA GLN A 197 -16.64 -35.21 30.19
C GLN A 197 -16.39 -36.60 29.60
N GLU A 198 -17.27 -37.57 29.88
CA GLU A 198 -17.16 -38.95 29.34
C GLU A 198 -17.34 -38.91 27.82
N ASN A 199 -18.23 -38.04 27.33
CA ASN A 199 -18.43 -37.77 25.88
C ASN A 199 -17.13 -37.27 25.27
N GLN A 200 -16.47 -36.30 25.91
CA GLN A 200 -15.27 -35.62 25.37
C GLN A 200 -14.07 -36.59 25.39
N ASP A 201 -14.04 -37.53 26.34
CA ASP A 201 -13.03 -38.63 26.39
C ASP A 201 -13.12 -39.47 25.11
N GLU A 202 -14.35 -39.82 24.70
CA GLU A 202 -14.63 -40.64 23.49
C GLU A 202 -14.20 -39.87 22.24
N ILE A 203 -14.45 -38.56 22.18
CA ILE A 203 -14.02 -37.69 21.05
C ILE A 203 -12.49 -37.69 21.02
N GLU A 204 -11.84 -37.41 22.16
CA GLU A 204 -10.35 -37.49 22.32
C GLU A 204 -9.85 -38.86 21.87
N ASN A 205 -10.60 -39.92 22.20
CA ASN A 205 -10.28 -41.33 21.85
C ASN A 205 -10.25 -41.47 20.33
N MET A 206 -11.33 -41.04 19.67
CA MET A 206 -11.51 -41.14 18.19
C MET A 206 -10.41 -40.33 17.50
N MET A 207 -10.12 -39.14 18.01
CA MET A 207 -9.05 -38.25 17.49
C MET A 207 -7.70 -38.96 17.58
N ASN A 208 -7.44 -39.68 18.68
CA ASN A 208 -6.17 -40.43 18.91
C ASN A 208 -6.03 -41.52 17.83
N SER A 209 -7.05 -42.35 17.62
CA SER A 209 -7.07 -43.45 16.62
C SER A 209 -6.74 -42.88 15.23
N ILE A 210 -7.40 -41.78 14.85
CA ILE A 210 -7.22 -41.11 13.53
C ILE A 210 -5.78 -40.59 13.43
N PHE A 211 -5.28 -39.93 14.48
CA PHE A 211 -3.93 -39.32 14.51
C PHE A 211 -2.85 -40.41 14.42
N LYS A 212 -2.85 -41.36 15.37
CA LYS A 212 -1.85 -42.45 15.48
C LYS A 212 -1.98 -43.42 14.30
N GLY A 213 -3.21 -43.64 13.80
CA GLY A 213 -3.51 -44.63 12.76
C GLY A 213 -3.24 -44.11 11.36
N ILE A 214 -3.65 -42.86 11.07
CA ILE A 214 -3.60 -42.27 9.71
C ILE A 214 -2.51 -41.18 9.65
N PHE A 215 -2.59 -40.14 10.47
CA PHE A 215 -1.79 -38.90 10.31
C PHE A 215 -0.29 -39.20 10.35
N VAL A 216 0.20 -39.84 11.41
CA VAL A 216 1.67 -40.00 11.68
C VAL A 216 2.30 -40.89 10.59
N HIS A 217 1.48 -41.60 9.80
CA HIS A 217 1.93 -42.43 8.65
C HIS A 217 1.74 -41.68 7.33
N ARG A 218 0.66 -40.90 7.18
CA ARG A 218 0.27 -40.29 5.88
C ARG A 218 1.02 -38.98 5.63
N TYR A 219 1.40 -38.24 6.68
CA TYR A 219 2.11 -36.93 6.54
C TYR A 219 3.49 -37.15 5.88
N ARG A 220 3.98 -38.39 5.93
CA ARG A 220 5.27 -38.88 5.38
C ARG A 220 5.06 -39.58 4.03
N ASP A 221 3.84 -39.53 3.48
CA ASP A 221 3.41 -40.35 2.31
C ASP A 221 4.29 -40.06 1.11
N ALA A 222 4.45 -41.04 0.21
CA ALA A 222 5.19 -40.93 -1.07
C ALA A 222 4.59 -39.82 -1.93
N ILE A 223 3.26 -39.77 -2.04
CA ILE A 223 2.51 -38.76 -2.86
C ILE A 223 2.56 -37.41 -2.14
N ALA A 224 2.99 -36.36 -2.83
CA ALA A 224 3.17 -35.00 -2.28
C ALA A 224 1.82 -34.43 -1.82
N GLU A 225 0.74 -34.70 -2.57
CA GLU A 225 -0.61 -34.14 -2.27
C GLU A 225 -1.14 -34.71 -0.95
N ILE A 226 -0.82 -35.97 -0.64
CA ILE A 226 -1.25 -36.64 0.64
C ILE A 226 -0.52 -35.98 1.82
N ARG A 227 0.77 -35.66 1.65
CA ARG A 227 1.59 -34.95 2.68
C ARG A 227 1.00 -33.55 2.90
N ALA A 228 0.61 -32.88 1.81
CA ALA A 228 0.03 -31.51 1.82
C ALA A 228 -1.32 -31.50 2.56
N ILE A 229 -2.13 -32.55 2.37
CA ILE A 229 -3.48 -32.71 2.97
C ILE A 229 -3.33 -32.82 4.49
N CYS A 230 -2.40 -33.66 4.95
CA CYS A 230 -2.10 -33.91 6.38
C CYS A 230 -1.63 -32.60 7.05
N ILE A 231 -0.55 -32.01 6.54
CA ILE A 231 0.08 -30.78 7.09
C ILE A 231 -0.98 -29.68 7.22
N GLU A 232 -1.76 -29.42 6.16
CA GLU A 232 -2.77 -28.33 6.14
C GLU A 232 -3.69 -28.50 7.35
N GLU A 233 -4.10 -29.73 7.66
CA GLU A 233 -5.21 -30.00 8.61
C GLU A 233 -4.71 -30.00 10.06
N ILE A 234 -3.50 -30.51 10.33
CA ILE A 234 -2.89 -30.40 11.70
C ILE A 234 -2.72 -28.92 12.01
N GLY A 235 -2.45 -28.10 11.00
CA GLY A 235 -2.49 -26.62 11.07
C GLY A 235 -3.84 -26.14 11.54
N VAL A 236 -4.92 -26.70 10.97
CA VAL A 236 -6.32 -26.31 11.30
C VAL A 236 -6.64 -26.73 12.75
N TRP A 237 -6.27 -27.96 13.15
CA TRP A 237 -6.54 -28.48 14.52
C TRP A 237 -5.81 -27.59 15.54
N MET A 238 -4.54 -27.28 15.27
CA MET A 238 -3.65 -26.47 16.17
C MET A 238 -4.24 -25.08 16.40
N LYS A 239 -4.86 -24.47 15.39
CA LYS A 239 -5.50 -23.13 15.52
C LYS A 239 -6.81 -23.27 16.33
N MET A 240 -7.72 -24.15 15.89
CA MET A 240 -9.06 -24.38 16.49
C MET A 240 -8.93 -24.73 17.98
N TYR A 241 -8.16 -25.78 18.27
CA TYR A 241 -8.16 -26.54 19.55
C TYR A 241 -6.73 -26.52 20.11
N SER A 242 -6.26 -25.31 20.48
CA SER A 242 -4.86 -25.00 20.86
C SER A 242 -4.38 -25.94 21.98
N ASP A 243 -5.19 -26.13 23.01
CA ASP A 243 -4.79 -26.77 24.30
C ASP A 243 -4.44 -28.25 24.07
N ALA A 244 -5.09 -28.90 23.10
CA ALA A 244 -4.92 -30.34 22.80
C ALA A 244 -3.84 -30.55 21.74
N PHE A 245 -3.80 -29.71 20.70
CA PHE A 245 -3.03 -29.95 19.44
C PHE A 245 -1.78 -29.06 19.36
N LEU A 246 -1.78 -27.86 19.95
CA LEU A 246 -0.60 -26.94 19.91
C LEU A 246 0.37 -27.33 21.03
N ASN A 247 1.30 -28.23 20.72
CA ASN A 247 2.39 -28.71 21.61
C ASN A 247 3.56 -29.17 20.73
N ASP A 248 4.71 -29.45 21.35
CA ASP A 248 6.00 -29.69 20.65
C ASP A 248 5.99 -31.06 19.97
N SER A 249 5.29 -32.05 20.55
CA SER A 249 5.15 -33.42 19.99
C SER A 249 4.46 -33.37 18.61
N TYR A 250 3.33 -32.67 18.52
CA TYR A 250 2.55 -32.51 17.26
C TYR A 250 3.24 -31.50 16.33
N LEU A 251 3.85 -30.44 16.87
CA LEU A 251 4.51 -29.37 16.07
C LEU A 251 5.74 -29.92 15.33
N LYS A 252 6.42 -30.90 15.93
CA LYS A 252 7.55 -31.65 15.33
C LYS A 252 7.24 -31.94 13.86
N TYR A 253 6.08 -32.56 13.62
CA TYR A 253 5.63 -33.07 12.30
C TYR A 253 5.62 -31.93 11.27
N VAL A 254 5.00 -30.80 11.63
CA VAL A 254 4.88 -29.58 10.77
C VAL A 254 6.29 -29.00 10.56
N GLY A 255 7.01 -28.70 11.64
CA GLY A 255 8.36 -28.12 11.62
C GLY A 255 9.34 -28.98 10.85
N TRP A 256 9.37 -30.29 11.13
CA TRP A 256 10.22 -31.28 10.41
C TRP A 256 10.01 -31.15 8.90
N THR A 257 8.74 -31.14 8.48
CA THR A 257 8.28 -31.22 7.06
C THR A 257 8.69 -29.96 6.29
N LEU A 258 9.14 -28.90 6.97
CA LEU A 258 9.70 -27.68 6.33
C LEU A 258 10.81 -28.08 5.36
N HIS A 259 11.50 -29.20 5.61
CA HIS A 259 12.58 -29.77 4.77
C HIS A 259 12.01 -30.58 3.58
N ASP A 260 10.69 -30.65 3.41
CA ASP A 260 10.03 -31.41 2.31
C ASP A 260 10.62 -30.93 0.98
N ARG A 261 10.55 -31.79 -0.05
CA ARG A 261 11.28 -31.64 -1.34
C ARG A 261 10.41 -30.83 -2.31
N GLN A 262 9.14 -30.60 -1.97
CA GLN A 262 8.09 -30.06 -2.89
C GLN A 262 7.60 -28.70 -2.38
N GLY A 263 7.43 -27.73 -3.29
CA GLY A 263 6.89 -26.39 -3.00
C GLY A 263 5.51 -26.48 -2.36
N GLU A 264 4.61 -27.25 -2.97
CA GLU A 264 3.23 -27.50 -2.49
C GLU A 264 3.25 -27.74 -0.97
N VAL A 265 4.10 -28.65 -0.49
CA VAL A 265 4.12 -29.14 0.93
C VAL A 265 4.79 -28.10 1.82
N ARG A 266 5.93 -27.55 1.41
CA ARG A 266 6.65 -26.48 2.16
C ARG A 266 5.71 -25.26 2.30
N LEU A 267 4.97 -24.93 1.22
CA LEU A 267 3.99 -23.83 1.20
C LEU A 267 2.94 -24.05 2.31
N LYS A 268 2.46 -25.29 2.48
CA LYS A 268 1.41 -25.64 3.48
C LYS A 268 1.96 -25.46 4.90
N CYS A 269 3.16 -25.97 5.18
CA CYS A 269 3.85 -25.86 6.50
C CYS A 269 3.88 -24.40 6.97
N LEU A 270 4.17 -23.47 6.05
CA LEU A 270 4.32 -22.02 6.36
C LEU A 270 2.93 -21.41 6.61
N LYS A 271 1.94 -21.76 5.79
CA LYS A 271 0.54 -21.28 5.92
C LYS A 271 -0.04 -21.71 7.28
N ALA A 272 0.27 -22.93 7.72
CA ALA A 272 -0.13 -23.49 9.03
C ALA A 272 0.47 -22.65 10.15
N LEU A 273 1.79 -22.46 10.13
CA LEU A 273 2.54 -21.69 11.16
C LEU A 273 2.10 -20.22 11.14
N GLN A 274 1.84 -19.66 9.95
CA GLN A 274 1.35 -18.27 9.77
C GLN A 274 0.11 -18.04 10.65
N SER A 275 -0.89 -18.91 10.54
CA SER A 275 -2.20 -18.80 11.24
C SER A 275 -1.97 -18.85 12.77
N LEU A 276 -0.98 -19.61 13.23
CA LEU A 276 -0.63 -19.70 14.67
C LEU A 276 0.02 -18.37 15.11
N TYR A 277 1.06 -17.91 14.42
CA TYR A 277 1.91 -16.75 14.85
C TYR A 277 1.14 -15.42 14.77
N THR A 278 0.02 -15.35 14.02
CA THR A 278 -0.87 -14.15 13.98
C THR A 278 -1.52 -13.94 15.35
N ASN A 279 -1.89 -15.02 16.04
CA ASN A 279 -2.56 -14.99 17.37
C ASN A 279 -1.53 -14.72 18.46
N ARG A 280 -1.27 -13.44 18.75
CA ARG A 280 -0.43 -12.95 19.87
C ARG A 280 -1.06 -13.43 21.19
N GLU A 281 -0.98 -14.73 21.49
CA GLU A 281 -1.74 -15.37 22.59
C GLU A 281 -1.28 -16.82 22.78
N LEU A 282 -1.18 -17.58 21.69
CA LEU A 282 -0.51 -18.92 21.67
C LEU A 282 0.92 -18.75 21.15
N PHE A 283 1.37 -17.50 21.00
CA PHE A 283 2.77 -17.10 20.70
C PHE A 283 3.70 -17.66 21.78
N PRO A 284 3.38 -17.52 23.09
CA PRO A 284 4.08 -18.23 24.16
C PRO A 284 4.34 -19.73 23.92
N LYS A 285 3.37 -20.47 23.37
CA LYS A 285 3.45 -21.95 23.16
C LYS A 285 4.30 -22.27 21.92
N LEU A 286 4.76 -21.26 21.18
CA LEU A 286 5.57 -21.41 19.95
C LEU A 286 7.04 -21.04 20.21
N GLU A 287 7.42 -20.78 21.46
CA GLU A 287 8.75 -20.23 21.84
C GLU A 287 9.84 -21.27 21.59
N LEU A 288 9.67 -22.49 22.12
CA LEU A 288 10.63 -23.62 21.92
C LEU A 288 10.71 -23.97 20.44
N PHE A 289 9.57 -23.91 19.72
CA PHE A 289 9.45 -24.28 18.29
C PHE A 289 10.20 -23.26 17.42
N THR A 290 10.00 -21.96 17.68
CA THR A 290 10.72 -20.85 17.00
C THR A 290 12.23 -21.06 17.16
N ASN A 291 12.69 -21.36 18.38
CA ASN A 291 14.12 -21.63 18.70
C ASN A 291 14.63 -22.82 17.87
N ARG A 292 13.87 -23.92 17.83
CA ARG A 292 14.27 -25.18 17.15
C ARG A 292 14.41 -24.94 15.65
N PHE A 293 13.42 -24.28 15.03
CA PHE A 293 13.27 -24.21 13.55
C PHE A 293 13.48 -22.80 12.99
N LYS A 294 14.03 -21.85 13.76
CA LYS A 294 14.30 -20.47 13.26
C LYS A 294 15.18 -20.58 12.01
N ASP A 295 16.23 -21.40 12.05
CA ASP A 295 17.23 -21.57 10.96
C ASP A 295 16.53 -22.00 9.67
N ARG A 296 15.63 -22.99 9.74
CA ARG A 296 14.96 -23.57 8.54
C ARG A 296 13.94 -22.58 8.00
N ILE A 297 13.08 -22.05 8.86
CA ILE A 297 12.07 -21.00 8.54
C ILE A 297 12.79 -19.87 7.79
N VAL A 298 13.83 -19.34 8.43
CA VAL A 298 14.64 -18.16 7.98
C VAL A 298 15.29 -18.49 6.63
N SER A 299 15.86 -19.70 6.46
CA SER A 299 16.52 -20.17 5.21
C SER A 299 15.53 -20.14 4.03
N MET A 300 14.25 -20.46 4.27
CA MET A 300 13.21 -20.64 3.22
C MET A 300 12.75 -19.28 2.67
N THR A 301 13.21 -18.15 3.25
CA THR A 301 12.91 -16.78 2.75
C THR A 301 13.55 -16.56 1.37
N LEU A 302 14.58 -17.33 1.03
CA LEU A 302 15.20 -17.40 -0.33
C LEU A 302 15.05 -18.83 -0.86
N ASP A 303 13.87 -19.43 -0.65
CA ASP A 303 13.58 -20.88 -0.86
C ASP A 303 14.18 -21.37 -2.18
N LYS A 304 13.66 -20.86 -3.30
CA LYS A 304 13.91 -21.33 -4.69
C LYS A 304 12.58 -21.22 -5.45
N GLU A 305 11.52 -21.81 -4.89
CA GLU A 305 10.10 -21.60 -5.29
C GLU A 305 9.67 -20.22 -4.79
N TYR A 306 9.47 -19.27 -5.70
CA TYR A 306 9.16 -17.85 -5.39
C TYR A 306 8.08 -17.78 -4.31
N ASP A 307 6.97 -18.49 -4.52
CA ASP A 307 5.73 -18.43 -3.70
C ASP A 307 6.00 -18.95 -2.27
N VAL A 308 6.83 -19.99 -2.13
CA VAL A 308 7.24 -20.55 -0.79
C VAL A 308 8.03 -19.47 -0.04
N ALA A 309 9.00 -18.85 -0.70
CA ALA A 309 9.86 -17.77 -0.16
C ALA A 309 8.99 -16.61 0.33
N VAL A 310 8.01 -16.17 -0.50
CA VAL A 310 7.09 -15.06 -0.16
C VAL A 310 6.42 -15.37 1.19
N GLU A 311 5.95 -16.60 1.37
CA GLU A 311 5.22 -17.06 2.60
C GLU A 311 6.20 -17.12 3.79
N ALA A 312 7.37 -17.72 3.59
CA ALA A 312 8.46 -17.80 4.60
C ALA A 312 8.76 -16.39 5.11
N ILE A 313 8.91 -15.43 4.19
CA ILE A 313 9.15 -14.00 4.53
C ILE A 313 7.96 -13.51 5.36
N ARG A 314 6.72 -13.70 4.90
CA ARG A 314 5.48 -13.27 5.63
C ARG A 314 5.47 -13.90 7.04
N LEU A 315 5.86 -15.18 7.16
CA LEU A 315 5.97 -15.90 8.46
C LEU A 315 6.97 -15.15 9.35
N VAL A 316 8.17 -14.92 8.82
CA VAL A 316 9.32 -14.31 9.57
C VAL A 316 8.92 -12.91 10.05
N THR A 317 8.22 -12.11 9.23
CA THR A 317 7.78 -10.75 9.61
C THR A 317 6.69 -10.85 10.69
N LEU A 318 5.91 -11.94 10.72
CA LEU A 318 4.93 -12.19 11.82
C LEU A 318 5.69 -12.54 13.11
N ILE A 319 6.70 -13.41 13.03
CA ILE A 319 7.54 -13.82 14.20
C ILE A 319 8.22 -12.57 14.77
N LEU A 320 8.74 -11.70 13.89
CA LEU A 320 9.48 -10.47 14.28
C LEU A 320 8.55 -9.59 15.13
N HIS A 321 7.38 -9.24 14.60
CA HIS A 321 6.40 -8.31 15.23
C HIS A 321 5.99 -8.82 16.62
N GLY A 322 6.17 -10.12 16.91
CA GLY A 322 6.00 -10.71 18.25
C GLY A 322 7.34 -11.11 18.85
N GLY B 3 -33.31 -41.56 -5.76
CA GLY B 3 -32.47 -40.54 -6.47
C GLY B 3 -31.00 -40.65 -6.11
N GLY B 4 -30.44 -41.86 -6.14
CA GLY B 4 -28.98 -42.11 -6.20
C GLY B 4 -28.39 -42.70 -4.92
N THR B 5 -27.24 -43.37 -5.07
CA THR B 5 -26.32 -43.78 -3.98
C THR B 5 -25.83 -42.54 -3.24
N LEU B 6 -25.11 -42.71 -2.12
CA LEU B 6 -24.41 -41.61 -1.41
C LEU B 6 -23.39 -40.97 -2.36
N PHE B 7 -22.65 -41.80 -3.10
CA PHE B 7 -21.62 -41.36 -4.07
C PHE B 7 -22.23 -40.42 -5.11
N GLU B 8 -23.34 -40.84 -5.73
CA GLU B 8 -24.02 -40.10 -6.83
C GLU B 8 -24.52 -38.74 -6.30
N VAL B 9 -25.11 -38.71 -5.10
CA VAL B 9 -25.64 -37.47 -4.48
C VAL B 9 -24.49 -36.52 -4.16
N VAL B 10 -23.37 -37.05 -3.66
CA VAL B 10 -22.17 -36.25 -3.25
C VAL B 10 -21.45 -35.73 -4.50
N LYS B 11 -21.36 -36.54 -5.57
CA LYS B 11 -20.71 -36.14 -6.84
C LYS B 11 -21.43 -34.91 -7.42
N LEU B 12 -22.76 -34.99 -7.56
CA LEU B 12 -23.60 -33.88 -8.08
C LEU B 12 -23.52 -32.68 -7.14
N GLY B 13 -23.64 -32.92 -5.82
CA GLY B 13 -23.67 -31.87 -4.80
C GLY B 13 -24.63 -30.75 -5.18
N LYS B 14 -25.86 -31.10 -5.55
CA LYS B 14 -26.92 -30.13 -5.94
C LYS B 14 -27.26 -29.26 -4.73
N SER B 15 -27.32 -27.94 -4.92
CA SER B 15 -27.75 -26.96 -3.89
C SER B 15 -29.23 -27.18 -3.57
N ALA B 16 -29.71 -26.59 -2.48
CA ALA B 16 -31.13 -26.68 -2.05
C ALA B 16 -32.04 -26.37 -3.24
N MET B 17 -31.80 -25.22 -3.91
CA MET B 17 -32.65 -24.70 -5.00
C MET B 17 -32.50 -25.56 -6.27
N GLN B 18 -31.31 -26.08 -6.55
CA GLN B 18 -31.05 -26.99 -7.70
C GLN B 18 -31.95 -28.22 -7.58
N SER B 19 -32.12 -28.75 -6.37
CA SER B 19 -32.89 -29.98 -6.06
C SER B 19 -34.40 -29.72 -6.22
N VAL B 20 -34.89 -28.58 -5.72
CA VAL B 20 -36.34 -28.22 -5.78
C VAL B 20 -36.72 -27.89 -7.23
N VAL B 21 -35.84 -27.23 -7.98
CA VAL B 21 -36.07 -26.84 -9.39
C VAL B 21 -36.23 -28.10 -10.25
N ASP B 22 -35.29 -29.05 -10.14
CA ASP B 22 -35.35 -30.37 -10.82
C ASP B 22 -36.69 -31.03 -10.53
N ASP B 23 -37.14 -30.96 -9.27
CA ASP B 23 -38.44 -31.51 -8.79
C ASP B 23 -39.60 -30.79 -9.51
N TRP B 24 -39.54 -29.46 -9.63
CA TRP B 24 -40.60 -28.63 -10.27
C TRP B 24 -40.66 -28.94 -11.78
N ILE B 25 -39.51 -29.02 -12.45
CA ILE B 25 -39.44 -29.28 -13.93
C ILE B 25 -39.97 -30.69 -14.21
N GLU B 26 -39.86 -31.62 -13.25
CA GLU B 26 -40.50 -32.96 -13.32
C GLU B 26 -42.01 -32.81 -13.10
N SER B 27 -42.42 -32.00 -12.12
CA SER B 27 -43.84 -31.65 -11.82
C SER B 27 -44.49 -31.04 -13.08
N TYR B 28 -43.74 -30.18 -13.78
CA TYR B 28 -44.19 -29.43 -14.99
C TYR B 28 -44.31 -30.38 -16.19
N LYS B 29 -43.39 -31.35 -16.30
CA LYS B 29 -43.35 -32.33 -17.42
C LYS B 29 -44.54 -33.30 -17.30
N GLN B 30 -45.03 -33.54 -16.07
CA GLN B 30 -46.26 -34.36 -15.81
C GLN B 30 -47.49 -33.51 -16.14
N ASP B 31 -47.76 -32.46 -15.35
CA ASP B 31 -48.90 -31.53 -15.57
C ASP B 31 -48.39 -30.08 -15.52
N ARG B 32 -48.40 -29.41 -16.67
CA ARG B 32 -47.99 -27.98 -16.85
C ARG B 32 -48.83 -27.08 -15.94
N ASP B 33 -50.12 -27.39 -15.78
CA ASP B 33 -51.14 -26.51 -15.16
C ASP B 33 -50.93 -26.41 -13.65
N ILE B 34 -50.87 -27.54 -12.93
CA ILE B 34 -50.79 -27.52 -11.43
C ILE B 34 -49.35 -27.15 -11.03
N ALA B 35 -48.37 -27.39 -11.91
CA ALA B 35 -46.96 -26.96 -11.75
C ALA B 35 -46.91 -25.43 -11.76
N LEU B 36 -47.43 -24.82 -12.84
CA LEU B 36 -47.55 -23.34 -12.98
C LEU B 36 -48.27 -22.76 -11.76
N LEU B 37 -49.30 -23.45 -11.25
CA LEU B 37 -50.09 -23.00 -10.06
C LEU B 37 -49.20 -23.03 -8.81
N ASP B 38 -48.45 -24.13 -8.61
CA ASP B 38 -47.45 -24.27 -7.50
C ASP B 38 -46.49 -23.08 -7.57
N LEU B 39 -46.14 -22.65 -8.78
CA LEU B 39 -45.22 -21.51 -9.05
C LEU B 39 -45.93 -20.19 -8.74
N ILE B 40 -47.13 -19.96 -9.29
CA ILE B 40 -47.97 -18.76 -8.99
C ILE B 40 -48.02 -18.60 -7.47
N ASN B 41 -48.44 -19.66 -6.78
CA ASN B 41 -48.63 -19.71 -5.30
C ASN B 41 -47.31 -19.41 -4.59
N PHE B 42 -46.18 -19.86 -5.13
CA PHE B 42 -44.82 -19.65 -4.54
C PHE B 42 -44.56 -18.15 -4.41
N PHE B 43 -44.88 -17.37 -5.45
CA PHE B 43 -44.68 -15.90 -5.50
C PHE B 43 -45.72 -15.21 -4.60
N ILE B 44 -46.93 -15.76 -4.53
CA ILE B 44 -48.02 -15.24 -3.64
C ILE B 44 -47.57 -15.42 -2.18
N GLN B 45 -47.10 -16.61 -1.82
CA GLN B 45 -46.73 -17.00 -0.43
C GLN B 45 -45.40 -16.34 -0.04
N CYS B 46 -44.53 -16.01 -1.02
CA CYS B 46 -43.23 -15.32 -0.80
C CYS B 46 -43.46 -13.85 -0.44
N SER B 47 -44.63 -13.31 -0.82
CA SER B 47 -45.12 -11.97 -0.39
C SER B 47 -45.46 -11.98 1.11
N GLY B 48 -45.69 -13.16 1.68
CA GLY B 48 -46.15 -13.35 3.07
C GLY B 48 -47.66 -13.53 3.14
N CYS B 49 -48.35 -13.29 2.02
CA CYS B 49 -49.80 -13.49 1.83
C CYS B 49 -50.17 -14.93 2.18
N ARG B 50 -50.98 -15.11 3.23
CA ARG B 50 -51.30 -16.43 3.85
C ARG B 50 -52.16 -17.29 2.91
N GLY B 51 -52.86 -16.67 1.95
CA GLY B 51 -53.77 -17.34 1.01
C GLY B 51 -53.04 -18.24 0.03
N THR B 52 -53.80 -18.92 -0.83
CA THR B 52 -53.30 -19.84 -1.89
C THR B 52 -54.37 -20.01 -2.97
N VAL B 53 -53.96 -19.95 -4.24
CA VAL B 53 -54.84 -19.99 -5.45
C VAL B 53 -55.17 -21.46 -5.77
N ARG B 54 -56.39 -21.74 -6.23
CA ARG B 54 -56.85 -23.09 -6.63
C ARG B 54 -56.62 -23.29 -8.14
N ILE B 55 -56.72 -24.54 -8.59
CA ILE B 55 -56.54 -24.95 -10.03
C ILE B 55 -57.75 -24.45 -10.82
N GLU B 56 -58.86 -24.15 -10.13
CA GLU B 56 -60.16 -23.73 -10.73
C GLU B 56 -60.24 -22.20 -10.81
N MET B 57 -59.73 -21.47 -9.81
CA MET B 57 -59.55 -19.99 -9.87
C MET B 57 -58.71 -19.65 -11.10
N PHE B 58 -57.56 -20.32 -11.22
CA PHE B 58 -56.54 -20.19 -12.29
C PHE B 58 -57.21 -20.24 -13.67
N ARG B 59 -57.93 -21.33 -13.97
CA ARG B 59 -58.48 -21.63 -15.32
C ARG B 59 -59.69 -20.72 -15.63
N ASN B 60 -60.39 -20.22 -14.60
CA ASN B 60 -61.61 -19.39 -14.76
C ASN B 60 -61.26 -17.91 -14.74
N MET B 61 -60.72 -17.41 -13.62
CA MET B 61 -60.53 -15.95 -13.33
C MET B 61 -59.42 -15.36 -14.20
N GLN B 62 -59.40 -14.02 -14.30
CA GLN B 62 -58.30 -13.22 -14.90
C GLN B 62 -57.18 -13.06 -13.89
N ASN B 63 -55.99 -12.64 -14.36
CA ASN B 63 -54.78 -12.39 -13.52
C ASN B 63 -55.08 -11.29 -12.50
N ALA B 64 -55.85 -10.27 -12.92
CA ALA B 64 -56.25 -9.09 -12.10
C ALA B 64 -57.14 -9.53 -10.93
N GLU B 65 -58.11 -10.43 -11.18
CA GLU B 65 -59.03 -10.98 -10.17
C GLU B 65 -58.24 -11.72 -9.09
N ILE B 66 -57.33 -12.61 -9.51
CA ILE B 66 -56.46 -13.43 -8.61
C ILE B 66 -55.70 -12.48 -7.68
N ILE B 67 -55.17 -11.38 -8.23
CA ILE B 67 -54.38 -10.36 -7.47
C ILE B 67 -55.33 -9.59 -6.55
N ARG B 68 -56.50 -9.15 -7.04
CA ARG B 68 -57.53 -8.45 -6.23
C ARG B 68 -57.99 -9.38 -5.10
N LYS B 69 -58.26 -10.65 -5.42
CA LYS B 69 -58.72 -11.68 -4.44
C LYS B 69 -57.66 -11.86 -3.36
N MET B 70 -56.38 -11.93 -3.75
CA MET B 70 -55.23 -12.15 -2.82
C MET B 70 -54.82 -10.82 -2.17
N THR B 71 -55.18 -9.69 -2.79
CA THR B 71 -55.06 -8.33 -2.20
C THR B 71 -55.90 -8.25 -0.92
N GLU B 72 -57.20 -8.58 -1.02
CA GLU B 72 -58.16 -8.54 0.12
C GLU B 72 -57.83 -9.69 1.09
N GLU B 73 -56.70 -9.57 1.79
CA GLU B 73 -56.18 -10.52 2.81
C GLU B 73 -55.17 -9.79 3.70
N ASP B 80 -44.48 -6.37 8.29
CA ASP B 80 -43.20 -7.10 8.12
C ASP B 80 -43.46 -8.40 7.35
N TYR B 81 -42.92 -8.52 6.14
CA TYR B 81 -43.16 -9.65 5.19
C TYR B 81 -41.84 -10.40 4.95
N PRO B 82 -41.89 -11.66 4.47
CA PRO B 82 -40.72 -12.56 4.47
C PRO B 82 -39.37 -11.93 4.05
N LEU B 83 -39.37 -11.06 3.04
CA LEU B 83 -38.13 -10.54 2.40
C LEU B 83 -37.41 -9.53 3.31
N THR B 84 -38.10 -8.92 4.28
CA THR B 84 -37.57 -7.81 5.13
C THR B 84 -37.27 -8.29 6.55
N MET B 85 -37.43 -9.58 6.85
CA MET B 85 -37.08 -10.19 8.17
C MET B 85 -35.66 -10.75 8.11
N GLY B 87 -33.18 -11.95 10.59
CA GLY B 87 -32.03 -12.76 11.03
C GLY B 87 -31.32 -13.43 9.85
N PRO B 88 -30.32 -14.30 10.10
CA PRO B 88 -29.58 -14.97 9.03
C PRO B 88 -30.30 -16.19 8.42
N GLN B 89 -31.48 -16.57 8.95
CA GLN B 89 -32.34 -17.63 8.38
C GLN B 89 -33.12 -17.07 7.19
N TRP B 90 -33.46 -15.77 7.23
CA TRP B 90 -34.21 -15.06 6.17
C TRP B 90 -33.25 -14.36 5.19
N LYS B 91 -31.96 -14.24 5.55
CA LYS B 91 -30.90 -13.82 4.59
C LYS B 91 -30.66 -14.97 3.60
N LYS B 92 -30.79 -16.22 4.08
CA LYS B 92 -30.67 -17.44 3.23
C LYS B 92 -31.99 -17.72 2.51
N PHE B 93 -33.11 -17.14 2.96
CA PHE B 93 -34.40 -17.13 2.22
C PHE B 93 -34.28 -16.18 1.02
N ARG B 94 -33.99 -14.90 1.31
CA ARG B 94 -33.64 -13.86 0.30
C ARG B 94 -32.73 -14.49 -0.76
N SER B 95 -31.61 -15.07 -0.31
CA SER B 95 -30.56 -15.69 -1.17
C SER B 95 -31.14 -16.87 -1.95
N ASN B 96 -32.01 -17.67 -1.33
CA ASN B 96 -32.60 -18.91 -1.92
C ASN B 96 -33.75 -18.55 -2.85
N PHE B 97 -34.53 -17.52 -2.53
CA PHE B 97 -35.57 -16.92 -3.41
C PHE B 97 -34.95 -16.53 -4.74
N CYS B 98 -33.81 -15.81 -4.70
CA CYS B 98 -33.07 -15.31 -5.88
C CYS B 98 -32.43 -16.49 -6.64
N GLU B 99 -31.84 -17.45 -5.92
CA GLU B 99 -31.14 -18.61 -6.52
C GLU B 99 -32.17 -19.53 -7.18
N PHE B 100 -33.37 -19.68 -6.59
CA PHE B 100 -34.49 -20.47 -7.17
C PHE B 100 -34.76 -19.99 -8.60
N ILE B 101 -34.94 -18.68 -8.77
CA ILE B 101 -35.34 -18.02 -10.04
C ILE B 101 -34.22 -18.24 -11.08
N GLY B 102 -32.97 -17.97 -10.69
CA GLY B 102 -31.78 -18.08 -11.57
C GLY B 102 -31.60 -19.50 -12.09
N VAL B 103 -31.78 -20.50 -11.22
CA VAL B 103 -31.62 -21.94 -11.55
C VAL B 103 -32.82 -22.39 -12.39
N LEU B 104 -34.04 -22.02 -12.00
CA LEU B 104 -35.29 -22.42 -12.72
C LEU B 104 -35.15 -22.09 -14.21
N ILE B 105 -34.84 -20.83 -14.54
CA ILE B 105 -34.72 -20.34 -15.95
C ILE B 105 -33.53 -21.05 -16.62
N ARG B 106 -32.41 -21.22 -15.91
CA ARG B 106 -31.17 -21.87 -16.43
C ARG B 106 -31.51 -23.29 -16.92
N GLN B 107 -32.28 -24.04 -16.13
CA GLN B 107 -32.64 -25.46 -16.41
C GLN B 107 -33.68 -25.51 -17.54
N CYS B 108 -34.61 -24.55 -17.57
CA CYS B 108 -35.73 -24.43 -18.55
C CYS B 108 -35.26 -23.76 -19.85
N GLN B 109 -33.98 -23.41 -19.96
CA GLN B 109 -33.47 -22.45 -20.99
C GLN B 109 -33.45 -23.08 -22.39
N TYR B 110 -33.64 -24.39 -22.52
CA TYR B 110 -33.48 -25.12 -23.81
C TYR B 110 -34.80 -25.73 -24.32
N SER B 111 -35.93 -25.55 -23.62
CA SER B 111 -37.27 -25.98 -24.10
C SER B 111 -38.38 -25.14 -23.44
N ILE B 112 -38.64 -25.39 -22.16
CA ILE B 112 -39.86 -24.94 -21.42
C ILE B 112 -39.97 -23.40 -21.46
N ILE B 113 -38.84 -22.69 -21.49
CA ILE B 113 -38.78 -21.20 -21.57
C ILE B 113 -39.50 -20.74 -22.84
N TYR B 114 -39.29 -21.46 -23.96
CA TYR B 114 -39.80 -21.12 -25.32
C TYR B 114 -41.26 -21.60 -25.48
N ASP B 115 -41.64 -22.70 -24.82
CA ASP B 115 -43.06 -23.14 -24.75
C ASP B 115 -43.85 -21.93 -24.24
N GLU B 116 -44.88 -21.51 -24.98
CA GLU B 116 -45.47 -20.15 -24.91
C GLU B 116 -46.54 -20.11 -23.80
N TYR B 117 -46.22 -20.68 -22.63
CA TYR B 117 -47.17 -20.85 -21.49
C TYR B 117 -46.50 -20.43 -20.18
N MET B 118 -45.37 -21.07 -19.80
CA MET B 118 -44.71 -20.90 -18.48
C MET B 118 -44.27 -19.45 -18.28
N MET B 119 -43.42 -18.93 -19.17
CA MET B 119 -42.79 -17.59 -19.05
C MET B 119 -43.86 -16.49 -19.10
N ASP B 120 -44.84 -16.62 -20.00
CA ASP B 120 -45.91 -15.61 -20.22
C ASP B 120 -46.80 -15.50 -18.97
N THR B 121 -47.02 -16.61 -18.25
CA THR B 121 -47.82 -16.65 -16.99
C THR B 121 -47.04 -15.96 -15.86
N VAL B 122 -45.76 -16.31 -15.71
CA VAL B 122 -44.85 -15.79 -14.65
C VAL B 122 -44.67 -14.27 -14.84
N ILE B 123 -44.24 -13.84 -16.04
CA ILE B 123 -44.00 -12.40 -16.36
C ILE B 123 -45.29 -11.61 -16.12
N SER B 124 -46.44 -12.15 -16.53
CA SER B 124 -47.79 -11.55 -16.36
C SER B 124 -48.11 -11.41 -14.86
N LEU B 125 -47.90 -12.47 -14.08
CA LEU B 125 -48.21 -12.49 -12.63
C LEU B 125 -47.39 -11.40 -11.91
N LEU B 126 -46.07 -11.35 -12.17
CA LEU B 126 -45.15 -10.39 -11.51
C LEU B 126 -45.50 -8.97 -11.94
N THR B 127 -45.73 -8.73 -13.24
CA THR B 127 -46.15 -7.43 -13.82
C THR B 127 -47.38 -6.91 -13.06
N GLY B 128 -48.40 -7.76 -12.92
CA GLY B 128 -49.64 -7.45 -12.18
C GLY B 128 -49.37 -7.12 -10.72
N LEU B 129 -48.58 -7.96 -10.04
CA LEU B 129 -48.20 -7.80 -8.61
C LEU B 129 -47.38 -6.52 -8.41
N SER B 130 -46.56 -6.16 -9.40
CA SER B 130 -45.62 -5.00 -9.34
C SER B 130 -46.36 -3.67 -9.49
N ASP B 131 -47.68 -3.69 -9.68
CA ASP B 131 -48.55 -2.47 -9.76
C ASP B 131 -49.52 -2.43 -8.57
N SER B 132 -49.42 -3.36 -7.62
CA SER B 132 -50.26 -3.44 -6.40
C SER B 132 -49.87 -2.30 -5.45
N GLN B 133 -50.85 -1.73 -4.73
CA GLN B 133 -50.62 -0.70 -3.68
C GLN B 133 -50.29 -1.38 -2.35
N VAL B 134 -50.23 -2.71 -2.32
CA VAL B 134 -49.74 -3.51 -1.15
C VAL B 134 -48.21 -3.54 -1.20
N ARG B 135 -47.57 -3.22 -0.07
CA ARG B 135 -46.10 -3.10 0.09
C ARG B 135 -45.42 -4.40 -0.37
N ALA B 136 -45.79 -5.51 0.26
CA ALA B 136 -45.11 -6.83 0.17
C ALA B 136 -45.12 -7.36 -1.26
N PHE B 137 -46.18 -7.06 -2.04
CA PHE B 137 -46.39 -7.60 -3.40
C PHE B 137 -45.38 -6.97 -4.38
N ARG B 138 -45.26 -5.64 -4.41
CA ARG B 138 -44.35 -4.91 -5.33
C ARG B 138 -42.91 -5.35 -5.06
N HIS B 139 -42.46 -5.27 -3.81
CA HIS B 139 -41.11 -5.68 -3.34
C HIS B 139 -40.76 -7.07 -3.90
N THR B 140 -41.57 -8.07 -3.57
CA THR B 140 -41.37 -9.50 -3.91
C THR B 140 -41.36 -9.69 -5.44
N SER B 141 -42.40 -9.18 -6.11
CA SER B 141 -42.59 -9.30 -7.59
C SER B 141 -41.42 -8.61 -8.32
N THR B 142 -40.99 -7.44 -7.83
CA THR B 142 -39.89 -6.64 -8.43
C THR B 142 -38.56 -7.41 -8.27
N LEU B 143 -38.22 -7.83 -7.04
CA LEU B 143 -37.01 -8.65 -6.77
C LEU B 143 -37.02 -9.87 -7.70
N ALA B 144 -38.17 -10.54 -7.83
CA ALA B 144 -38.37 -11.75 -8.67
C ALA B 144 -38.13 -11.40 -10.14
N ALA B 145 -38.75 -10.32 -10.62
CA ALA B 145 -38.70 -9.85 -12.02
C ALA B 145 -37.28 -9.41 -12.38
N MET B 146 -36.58 -8.74 -11.45
CA MET B 146 -35.18 -8.27 -11.64
C MET B 146 -34.26 -9.49 -11.79
N LYS B 147 -34.41 -10.50 -10.94
CA LYS B 147 -33.63 -11.76 -11.00
C LYS B 147 -34.03 -12.55 -12.24
N LEU B 148 -35.34 -12.57 -12.57
CA LEU B 148 -35.88 -13.19 -13.81
C LEU B 148 -35.20 -12.54 -15.02
N MET B 149 -35.15 -11.20 -15.03
CA MET B 149 -34.51 -10.40 -16.11
C MET B 149 -33.03 -10.80 -16.23
N THR B 150 -32.30 -10.90 -15.12
CA THR B 150 -30.87 -11.32 -15.09
C THR B 150 -30.73 -12.72 -15.69
N ALA B 151 -31.64 -13.64 -15.31
CA ALA B 151 -31.67 -15.04 -15.80
C ALA B 151 -31.85 -15.05 -17.32
N LEU B 152 -32.74 -14.19 -17.84
CA LEU B 152 -33.04 -14.08 -19.30
C LEU B 152 -31.82 -13.51 -20.04
N VAL B 153 -31.13 -12.53 -19.44
CA VAL B 153 -29.88 -11.94 -20.00
C VAL B 153 -28.85 -13.07 -20.19
N ASN B 154 -28.79 -14.02 -19.25
CA ASN B 154 -27.84 -15.16 -19.27
C ASN B 154 -28.22 -16.14 -20.39
N VAL B 155 -29.51 -16.35 -20.63
CA VAL B 155 -30.01 -17.17 -21.78
C VAL B 155 -29.48 -16.52 -23.06
N ALA B 156 -29.75 -15.22 -23.21
CA ALA B 156 -29.39 -14.38 -24.39
C ALA B 156 -27.88 -14.40 -24.61
N LEU B 157 -27.10 -14.35 -23.52
CA LEU B 157 -25.61 -14.32 -23.55
C LEU B 157 -25.09 -15.67 -24.05
N ASN B 158 -25.74 -16.77 -23.66
CA ASN B 158 -25.40 -18.15 -24.10
C ASN B 158 -25.83 -18.35 -25.56
N LEU B 159 -26.96 -17.75 -25.95
CA LEU B 159 -27.49 -17.81 -27.34
C LEU B 159 -26.55 -17.07 -28.29
N SER B 160 -26.19 -15.82 -27.97
CA SER B 160 -25.27 -14.96 -28.77
C SER B 160 -23.87 -15.57 -28.82
N ILE B 161 -23.54 -16.46 -27.87
CA ILE B 161 -22.26 -17.23 -27.84
C ILE B 161 -22.39 -18.48 -28.72
N HIS B 162 -23.59 -19.08 -28.80
CA HIS B 162 -23.93 -20.17 -29.76
C HIS B 162 -24.13 -19.58 -31.16
N GLN B 163 -24.66 -18.35 -31.25
CA GLN B 163 -25.16 -17.72 -32.51
C GLN B 163 -23.99 -17.53 -33.48
N ASP B 164 -22.88 -16.95 -33.02
CA ASP B 164 -21.65 -16.73 -33.83
C ASP B 164 -20.59 -17.77 -33.45
N ASN B 165 -21.00 -18.92 -32.94
CA ASN B 165 -20.20 -20.18 -32.89
C ASN B 165 -20.71 -21.13 -33.98
N THR B 166 -21.84 -20.79 -34.62
CA THR B 166 -22.29 -21.34 -35.93
C THR B 166 -22.18 -20.22 -36.99
N GLN B 167 -20.99 -19.59 -37.04
CA GLN B 167 -20.61 -18.54 -38.02
C GLN B 167 -19.24 -18.92 -38.61
N ARG B 168 -18.28 -19.25 -37.73
CA ARG B 168 -17.01 -19.94 -38.09
C ARG B 168 -17.35 -21.36 -38.59
N GLN B 169 -18.34 -22.01 -37.97
CA GLN B 169 -18.97 -23.27 -38.47
C GLN B 169 -20.49 -23.13 -38.40
N LEU B 186 -23.88 -27.02 -44.59
CA LEU B 186 -24.64 -25.74 -44.56
C LEU B 186 -26.14 -26.01 -44.46
N GLU B 187 -26.63 -27.10 -45.08
CA GLU B 187 -28.07 -27.46 -45.17
C GLU B 187 -28.78 -27.31 -43.81
N LEU B 188 -28.22 -27.89 -42.74
CA LEU B 188 -28.85 -27.89 -41.38
C LEU B 188 -28.56 -26.56 -40.65
N LEU B 189 -27.53 -25.83 -41.06
CA LEU B 189 -27.00 -24.64 -40.32
C LEU B 189 -27.85 -23.40 -40.62
N LEU B 190 -28.20 -23.19 -41.90
CA LEU B 190 -29.04 -22.04 -42.37
C LEU B 190 -30.37 -22.04 -41.59
N GLN B 191 -30.93 -23.23 -41.35
CA GLN B 191 -32.15 -23.45 -40.53
C GLN B 191 -31.90 -22.96 -39.09
N LYS B 192 -30.96 -23.59 -38.39
CA LYS B 192 -30.66 -23.37 -36.94
C LYS B 192 -30.35 -21.88 -36.69
N ARG B 193 -29.62 -21.23 -37.59
CA ARG B 193 -29.14 -19.83 -37.43
C ARG B 193 -30.34 -18.87 -37.28
N LYS B 194 -31.50 -19.22 -37.85
CA LYS B 194 -32.76 -18.44 -37.73
C LYS B 194 -33.70 -19.09 -36.70
N GLU B 195 -33.32 -20.22 -36.10
CA GLU B 195 -33.96 -20.77 -34.88
C GLU B 195 -33.36 -20.08 -33.64
N LEU B 196 -32.03 -19.88 -33.64
CA LEU B 196 -31.28 -19.15 -32.59
C LEU B 196 -31.71 -17.68 -32.58
N GLN B 197 -31.99 -17.11 -33.76
CA GLN B 197 -32.45 -15.69 -33.91
C GLN B 197 -33.94 -15.61 -33.56
N GLU B 198 -34.73 -16.65 -33.82
CA GLU B 198 -36.16 -16.74 -33.39
C GLU B 198 -36.19 -16.96 -31.86
N ASN B 199 -35.23 -17.72 -31.33
CA ASN B 199 -34.98 -17.85 -29.87
C ASN B 199 -34.70 -16.47 -29.29
N GLN B 200 -33.61 -15.83 -29.75
CA GLN B 200 -33.10 -14.51 -29.28
C GLN B 200 -34.23 -13.48 -29.33
N ASP B 201 -35.06 -13.51 -30.39
CA ASP B 201 -36.26 -12.63 -30.56
C ASP B 201 -37.20 -12.78 -29.37
N GLU B 202 -37.51 -14.03 -29.00
CA GLU B 202 -38.50 -14.36 -27.94
C GLU B 202 -37.92 -14.04 -26.56
N ILE B 203 -36.59 -14.17 -26.39
CA ILE B 203 -35.87 -13.77 -25.15
C ILE B 203 -35.92 -12.24 -25.03
N GLU B 204 -35.67 -11.53 -26.13
CA GLU B 204 -35.71 -10.04 -26.20
C GLU B 204 -37.13 -9.55 -25.87
N ASN B 205 -38.17 -10.25 -26.33
CA ASN B 205 -39.59 -9.87 -26.10
C ASN B 205 -39.94 -10.12 -24.63
N MET B 206 -39.47 -11.22 -24.03
CA MET B 206 -39.63 -11.51 -22.58
C MET B 206 -38.95 -10.40 -21.77
N MET B 207 -37.67 -10.14 -22.08
CA MET B 207 -36.84 -9.10 -21.42
C MET B 207 -37.50 -7.73 -21.57
N ASN B 208 -37.99 -7.41 -22.78
CA ASN B 208 -38.65 -6.12 -23.11
C ASN B 208 -39.90 -5.97 -22.24
N SER B 209 -40.68 -7.05 -22.06
CA SER B 209 -41.94 -7.07 -21.27
C SER B 209 -41.64 -6.71 -19.81
N ILE B 210 -40.62 -7.34 -19.22
CA ILE B 210 -40.19 -7.13 -17.80
C ILE B 210 -39.70 -5.68 -17.64
N PHE B 211 -38.87 -5.20 -18.57
CA PHE B 211 -38.24 -3.86 -18.52
C PHE B 211 -39.32 -2.77 -18.56
N LYS B 212 -40.13 -2.76 -19.63
CA LYS B 212 -41.15 -1.71 -19.90
C LYS B 212 -42.35 -1.93 -18.97
N GLY B 213 -42.56 -3.16 -18.50
CA GLY B 213 -43.70 -3.57 -17.66
C GLY B 213 -43.44 -3.38 -16.17
N ILE B 214 -42.27 -3.80 -15.69
CA ILE B 214 -41.91 -3.82 -14.23
C ILE B 214 -40.84 -2.75 -13.95
N PHE B 215 -39.70 -2.80 -14.64
CA PHE B 215 -38.49 -1.97 -14.34
C PHE B 215 -38.84 -0.48 -14.40
N VAL B 216 -39.26 0.02 -15.56
CA VAL B 216 -39.34 1.48 -15.90
C VAL B 216 -40.35 2.18 -14.96
N HIS B 217 -41.21 1.42 -14.27
CA HIS B 217 -42.14 1.95 -13.23
C HIS B 217 -41.48 1.86 -11.85
N ARG B 218 -40.86 0.72 -11.53
CA ARG B 218 -40.43 0.33 -10.16
C ARG B 218 -39.16 1.10 -9.75
N TYR B 219 -38.28 1.49 -10.68
CA TYR B 219 -37.00 2.18 -10.37
C TYR B 219 -37.31 3.54 -9.72
N ARG B 220 -38.50 4.09 -9.98
CA ARG B 220 -39.02 5.36 -9.40
C ARG B 220 -39.98 5.06 -8.23
N ASP B 221 -39.97 3.84 -7.69
CA ASP B 221 -40.96 3.35 -6.69
C ASP B 221 -40.97 4.29 -5.48
N ALA B 222 -42.09 4.32 -4.76
CA ALA B 222 -42.30 5.07 -3.49
C ALA B 222 -41.31 4.56 -2.41
N ILE B 223 -41.03 3.25 -2.41
CA ILE B 223 -40.24 2.55 -1.35
C ILE B 223 -38.78 2.43 -1.81
N ALA B 224 -37.84 2.70 -0.90
CA ALA B 224 -36.40 2.89 -1.18
C ALA B 224 -35.75 1.60 -1.67
N GLU B 225 -35.94 0.49 -0.95
CA GLU B 225 -35.26 -0.81 -1.24
C GLU B 225 -35.65 -1.30 -2.64
N ILE B 226 -36.85 -0.96 -3.13
CA ILE B 226 -37.35 -1.38 -4.48
C ILE B 226 -36.56 -0.62 -5.56
N ARG B 227 -36.29 0.67 -5.35
CA ARG B 227 -35.43 1.50 -6.25
C ARG B 227 -34.03 0.88 -6.27
N ALA B 228 -33.47 0.60 -5.09
CA ALA B 228 -32.14 -0.05 -4.89
C ALA B 228 -32.07 -1.35 -5.71
N ILE B 229 -33.11 -2.18 -5.62
CA ILE B 229 -33.19 -3.52 -6.27
C ILE B 229 -33.13 -3.36 -7.80
N CYS B 230 -33.78 -2.33 -8.34
CA CYS B 230 -33.84 -2.04 -9.80
C CYS B 230 -32.48 -1.51 -10.30
N ILE B 231 -31.90 -0.52 -9.60
CA ILE B 231 -30.59 0.09 -9.96
C ILE B 231 -29.50 -0.99 -9.91
N GLU B 232 -29.45 -1.77 -8.82
CA GLU B 232 -28.43 -2.83 -8.64
C GLU B 232 -28.49 -3.78 -9.85
N GLU B 233 -29.69 -4.13 -10.32
CA GLU B 233 -29.86 -5.17 -11.37
C GLU B 233 -29.62 -4.60 -12.77
N ILE B 234 -30.07 -3.36 -13.06
CA ILE B 234 -29.75 -2.71 -14.36
C ILE B 234 -28.23 -2.59 -14.47
N GLY B 235 -27.56 -2.32 -13.35
CA GLY B 235 -26.09 -2.35 -13.22
C GLY B 235 -25.53 -3.70 -13.65
N VAL B 236 -26.10 -4.78 -13.11
CA VAL B 236 -25.66 -6.18 -13.40
C VAL B 236 -25.80 -6.47 -14.90
N TRP B 237 -26.94 -6.13 -15.51
CA TRP B 237 -27.22 -6.44 -16.95
C TRP B 237 -26.20 -5.73 -17.83
N MET B 238 -25.93 -4.46 -17.56
CA MET B 238 -24.99 -3.61 -18.34
C MET B 238 -23.56 -4.15 -18.20
N LYS B 239 -23.22 -4.71 -17.03
CA LYS B 239 -21.90 -5.33 -16.75
C LYS B 239 -21.75 -6.64 -17.53
N MET B 240 -22.75 -7.53 -17.45
CA MET B 240 -22.65 -8.95 -17.93
C MET B 240 -22.83 -9.03 -19.46
N TYR B 241 -23.64 -8.14 -20.05
CA TYR B 241 -23.94 -8.13 -21.51
C TYR B 241 -23.85 -6.68 -22.03
N SER B 242 -22.63 -6.14 -22.08
CA SER B 242 -22.31 -4.73 -22.47
C SER B 242 -22.80 -4.44 -23.90
N ASP B 243 -22.46 -5.32 -24.84
CA ASP B 243 -22.78 -5.21 -26.29
C ASP B 243 -24.22 -4.70 -26.47
N ALA B 244 -25.17 -5.24 -25.70
CA ALA B 244 -26.63 -5.02 -25.85
C ALA B 244 -27.17 -4.03 -24.80
N PHE B 245 -26.63 -4.03 -23.58
CA PHE B 245 -27.20 -3.30 -22.41
C PHE B 245 -26.40 -2.04 -22.08
N LEU B 246 -25.07 -2.03 -22.26
CA LEU B 246 -24.27 -0.82 -21.94
C LEU B 246 -24.43 0.20 -23.07
N ASN B 247 -25.40 1.09 -22.91
CA ASN B 247 -25.74 2.19 -23.84
C ASN B 247 -26.50 3.27 -23.08
N ASP B 248 -26.71 4.43 -23.71
CA ASP B 248 -27.30 5.65 -23.09
C ASP B 248 -28.78 5.41 -22.77
N SER B 249 -29.43 4.47 -23.47
CA SER B 249 -30.87 4.12 -23.32
C SER B 249 -31.12 3.49 -21.94
N TYR B 250 -30.20 2.63 -21.47
CA TYR B 250 -30.25 2.00 -20.12
C TYR B 250 -29.55 2.88 -19.09
N LEU B 251 -28.38 3.43 -19.44
CA LEU B 251 -27.50 4.20 -18.52
C LEU B 251 -28.27 5.37 -17.88
N LYS B 252 -29.13 6.04 -18.64
CA LYS B 252 -29.86 7.26 -18.21
C LYS B 252 -30.75 6.98 -16.99
N TYR B 253 -31.18 5.72 -16.81
CA TYR B 253 -32.00 5.27 -15.65
C TYR B 253 -31.17 5.35 -14.36
N VAL B 254 -29.87 5.01 -14.44
CA VAL B 254 -28.90 5.12 -13.31
C VAL B 254 -28.58 6.61 -13.10
N GLY B 255 -28.29 7.33 -14.19
CA GLY B 255 -27.96 8.76 -14.21
C GLY B 255 -28.93 9.61 -13.37
N TRP B 256 -30.24 9.47 -13.62
CA TRP B 256 -31.29 10.26 -12.93
C TRP B 256 -31.38 9.85 -11.45
N THR B 257 -31.10 8.59 -11.13
CA THR B 257 -31.25 8.02 -9.78
C THR B 257 -30.06 8.41 -8.90
N LEU B 258 -28.97 8.91 -9.48
CA LEU B 258 -27.85 9.53 -8.72
C LEU B 258 -28.42 10.66 -7.85
N HIS B 259 -29.44 11.36 -8.36
CA HIS B 259 -30.17 12.46 -7.70
C HIS B 259 -31.04 11.95 -6.54
N ASP B 260 -31.22 10.63 -6.40
CA ASP B 260 -32.17 10.02 -5.43
C ASP B 260 -31.95 10.62 -4.04
N ARG B 261 -33.03 10.77 -3.27
CA ARG B 261 -33.07 11.50 -1.97
C ARG B 261 -32.52 10.59 -0.87
N GLN B 262 -32.51 9.27 -1.10
CA GLN B 262 -32.11 8.24 -0.10
C GLN B 262 -30.69 7.73 -0.41
N GLY B 263 -29.87 7.59 0.63
CA GLY B 263 -28.42 7.31 0.53
C GLY B 263 -28.13 5.93 -0.04
N GLU B 264 -28.78 4.90 0.52
CA GLU B 264 -28.64 3.47 0.09
C GLU B 264 -28.75 3.37 -1.44
N VAL B 265 -29.60 4.19 -2.07
CA VAL B 265 -29.90 4.14 -3.53
C VAL B 265 -28.77 4.80 -4.32
N ARG B 266 -28.30 5.98 -3.89
CA ARG B 266 -27.15 6.69 -4.50
C ARG B 266 -25.94 5.75 -4.48
N LEU B 267 -25.75 5.03 -3.37
CA LEU B 267 -24.70 4.01 -3.18
C LEU B 267 -24.76 2.97 -4.30
N LYS B 268 -25.94 2.45 -4.61
CA LYS B 268 -26.17 1.38 -5.63
C LYS B 268 -25.91 1.93 -7.04
N CYS B 269 -26.24 3.20 -7.29
CA CYS B 269 -25.98 3.91 -8.58
C CYS B 269 -24.47 4.00 -8.82
N LEU B 270 -23.71 4.40 -7.79
CA LEU B 270 -22.23 4.54 -7.86
C LEU B 270 -21.60 3.14 -8.02
N LYS B 271 -22.09 2.16 -7.26
CA LYS B 271 -21.62 0.75 -7.31
C LYS B 271 -21.84 0.17 -8.71
N ALA B 272 -22.98 0.51 -9.35
CA ALA B 272 -23.33 0.07 -10.72
C ALA B 272 -22.39 0.73 -11.74
N LEU B 273 -22.10 2.02 -11.58
CA LEU B 273 -21.23 2.79 -12.51
C LEU B 273 -19.77 2.38 -12.30
N GLN B 274 -19.35 2.22 -11.04
CA GLN B 274 -17.99 1.75 -10.66
C GLN B 274 -17.64 0.51 -11.50
N SER B 275 -18.44 -0.55 -11.39
CA SER B 275 -18.21 -1.88 -12.01
C SER B 275 -18.18 -1.79 -13.54
N LEU B 276 -18.73 -0.71 -14.12
CA LEU B 276 -18.70 -0.43 -15.58
C LEU B 276 -17.39 0.30 -15.95
N TYR B 277 -17.09 1.39 -15.25
CA TYR B 277 -15.93 2.28 -15.52
C TYR B 277 -14.61 1.58 -15.17
N THR B 278 -14.66 0.46 -14.42
CA THR B 278 -13.48 -0.22 -13.84
C THR B 278 -12.61 -0.85 -14.93
N ASN B 279 -12.79 -0.45 -16.19
CA ASN B 279 -11.75 -0.37 -17.26
C ASN B 279 -12.30 -0.99 -18.56
N ARG B 280 -11.49 -1.77 -19.29
CA ARG B 280 -11.83 -2.42 -20.60
C ARG B 280 -11.91 -1.35 -21.69
N GLU B 281 -12.42 -1.70 -22.88
CA GLU B 281 -12.71 -0.72 -23.98
C GLU B 281 -14.15 -0.24 -23.82
N LEU B 282 -14.57 0.02 -22.57
CA LEU B 282 -15.97 0.34 -22.19
C LEU B 282 -16.15 1.87 -22.09
N PHE B 283 -15.06 2.65 -22.08
CA PHE B 283 -15.08 4.13 -22.01
C PHE B 283 -15.75 4.72 -23.25
N PRO B 284 -15.47 4.24 -24.47
CA PRO B 284 -16.21 4.67 -25.66
C PRO B 284 -17.73 4.71 -25.46
N LYS B 285 -18.28 3.65 -24.85
CA LYS B 285 -19.74 3.46 -24.62
C LYS B 285 -20.20 4.30 -23.44
N LEU B 286 -19.29 4.66 -22.52
CA LEU B 286 -19.55 5.53 -21.33
C LEU B 286 -19.34 7.01 -21.68
N GLU B 287 -18.65 7.29 -22.80
CA GLU B 287 -18.17 8.65 -23.20
C GLU B 287 -19.26 9.70 -22.96
N LEU B 288 -20.40 9.58 -23.64
CA LEU B 288 -21.48 10.60 -23.66
C LEU B 288 -22.16 10.67 -22.28
N PHE B 289 -22.42 9.51 -21.66
CA PHE B 289 -23.06 9.43 -20.31
C PHE B 289 -22.24 10.25 -19.31
N THR B 290 -20.90 10.21 -19.42
CA THR B 290 -19.95 10.95 -18.54
C THR B 290 -20.20 12.46 -18.70
N ASN B 291 -20.06 12.99 -19.92
CA ASN B 291 -20.31 14.41 -20.29
C ASN B 291 -21.69 14.83 -19.76
N ARG B 292 -22.70 13.97 -19.97
CA ARG B 292 -24.12 14.27 -19.67
C ARG B 292 -24.34 14.40 -18.16
N PHE B 293 -23.63 13.61 -17.35
CA PHE B 293 -23.88 13.44 -15.90
C PHE B 293 -22.63 13.77 -15.05
N LYS B 294 -21.59 14.38 -15.63
CA LYS B 294 -20.31 14.65 -14.90
C LYS B 294 -20.60 15.57 -13.71
N ASP B 295 -21.44 16.60 -13.88
CA ASP B 295 -21.75 17.62 -12.84
C ASP B 295 -22.28 16.90 -11.60
N ARG B 296 -23.27 16.01 -11.76
CA ARG B 296 -24.02 15.39 -10.64
C ARG B 296 -23.17 14.29 -9.98
N ILE B 297 -22.41 13.52 -10.76
CA ILE B 297 -21.46 12.50 -10.24
C ILE B 297 -20.49 13.19 -9.28
N VAL B 298 -19.83 14.22 -9.78
CA VAL B 298 -18.73 14.99 -9.10
C VAL B 298 -19.25 15.62 -7.80
N SER B 299 -20.51 16.04 -7.76
CA SER B 299 -21.17 16.66 -6.57
C SER B 299 -21.19 15.68 -5.39
N MET B 300 -21.18 14.37 -5.67
CA MET B 300 -21.42 13.30 -4.69
C MET B 300 -20.11 12.91 -3.99
N THR B 301 -18.96 13.38 -4.46
CA THR B 301 -17.63 13.21 -3.81
C THR B 301 -17.72 13.72 -2.37
N LEU B 302 -18.37 14.87 -2.18
CA LEU B 302 -18.73 15.46 -0.86
C LEU B 302 -20.24 15.30 -0.65
N ASP B 303 -20.74 14.07 -0.76
CA ASP B 303 -22.21 13.76 -0.77
C ASP B 303 -22.89 14.39 0.45
N LYS B 304 -22.42 14.03 1.65
CA LYS B 304 -23.11 14.19 2.96
C LYS B 304 -22.92 12.89 3.73
N GLU B 305 -23.40 11.79 3.13
CA GLU B 305 -23.24 10.41 3.65
C GLU B 305 -21.79 9.96 3.40
N TYR B 306 -21.01 9.81 4.48
CA TYR B 306 -19.67 9.18 4.41
C TYR B 306 -19.86 7.70 4.04
N ASP B 307 -19.75 7.41 2.74
CA ASP B 307 -19.80 6.06 2.10
C ASP B 307 -20.30 6.24 0.66
N VAL B 308 -21.32 7.08 0.45
CA VAL B 308 -21.70 7.60 -0.89
C VAL B 308 -20.53 8.47 -1.36
N ALA B 309 -20.06 9.35 -0.48
CA ALA B 309 -18.88 10.22 -0.64
C ALA B 309 -17.69 9.39 -1.11
N VAL B 310 -17.36 8.32 -0.38
CA VAL B 310 -16.22 7.40 -0.68
C VAL B 310 -16.38 6.86 -2.10
N GLU B 311 -17.53 6.23 -2.37
CA GLU B 311 -17.82 5.50 -3.64
C GLU B 311 -17.79 6.48 -4.81
N ALA B 312 -18.30 7.70 -4.63
CA ALA B 312 -18.29 8.77 -5.64
C ALA B 312 -16.84 9.13 -5.99
N ILE B 313 -15.97 9.27 -4.98
CA ILE B 313 -14.52 9.57 -5.17
C ILE B 313 -13.88 8.39 -5.92
N ARG B 314 -14.19 7.15 -5.53
CA ARG B 314 -13.66 5.94 -6.22
C ARG B 314 -14.19 5.89 -7.66
N LEU B 315 -15.43 6.34 -7.88
CA LEU B 315 -16.04 6.43 -9.24
C LEU B 315 -15.22 7.44 -10.07
N VAL B 316 -15.05 8.66 -9.54
CA VAL B 316 -14.41 9.81 -10.23
C VAL B 316 -12.95 9.45 -10.57
N THR B 317 -12.25 8.76 -9.67
CA THR B 317 -10.85 8.28 -9.88
C THR B 317 -10.81 7.37 -11.12
N LEU B 318 -11.70 6.37 -11.15
CA LEU B 318 -11.85 5.41 -12.28
C LEU B 318 -12.17 6.18 -13.57
N ILE B 319 -13.10 7.14 -13.50
CA ILE B 319 -13.49 8.01 -14.66
C ILE B 319 -12.25 8.77 -15.15
N LEU B 320 -11.42 9.26 -14.22
CA LEU B 320 -10.21 10.06 -14.53
C LEU B 320 -9.21 9.16 -15.28
N HIS B 321 -8.80 8.04 -14.66
CA HIS B 321 -7.86 7.04 -15.25
C HIS B 321 -8.58 6.28 -16.38
N GLY B 322 -8.63 6.88 -17.57
CA GLY B 322 -9.30 6.32 -18.76
C GLY B 322 -8.79 6.92 -20.06
N GLY C 4 39.74 33.97 9.06
CA GLY C 4 40.50 33.31 10.18
C GLY C 4 41.15 32.01 9.74
N THR C 5 40.92 30.93 10.48
CA THR C 5 41.57 29.60 10.31
C THR C 5 40.59 28.69 9.56
N LEU C 6 41.11 27.71 8.78
CA LEU C 6 40.29 26.75 7.99
C LEU C 6 39.18 26.19 8.89
N PHE C 7 39.54 25.65 10.06
CA PHE C 7 38.62 25.07 11.07
C PHE C 7 37.51 26.07 11.45
N GLU C 8 37.90 27.33 11.69
CA GLU C 8 36.97 28.44 12.05
C GLU C 8 35.98 28.65 10.92
N VAL C 9 36.50 28.77 9.68
CA VAL C 9 35.73 29.07 8.44
C VAL C 9 34.80 27.90 8.12
N VAL C 10 35.24 26.66 8.38
CA VAL C 10 34.47 25.41 8.12
C VAL C 10 33.37 25.27 9.19
N LYS C 11 33.71 25.55 10.45
CA LYS C 11 32.75 25.52 11.59
C LYS C 11 31.66 26.57 11.35
N LEU C 12 32.06 27.82 11.12
CA LEU C 12 31.16 28.98 10.90
C LEU C 12 30.20 28.68 9.74
N GLY C 13 30.74 28.22 8.61
CA GLY C 13 29.98 27.66 7.46
C GLY C 13 29.04 28.68 6.83
N LYS C 14 29.53 29.90 6.55
CA LYS C 14 28.78 30.97 5.85
C LYS C 14 28.89 30.78 4.34
N SER C 15 27.75 30.68 3.64
CA SER C 15 27.69 30.78 2.17
C SER C 15 28.12 32.17 1.72
N ALA C 16 28.39 32.34 0.43
CA ALA C 16 28.85 33.63 -0.17
C ALA C 16 27.78 34.72 0.05
N MET C 17 26.50 34.34 -0.01
CA MET C 17 25.35 35.27 0.15
C MET C 17 25.18 35.67 1.62
N GLN C 18 25.31 34.72 2.54
CA GLN C 18 25.36 34.97 4.01
C GLN C 18 26.48 35.98 4.31
N SER C 19 27.62 35.86 3.61
CA SER C 19 28.83 36.70 3.79
C SER C 19 28.58 38.13 3.28
N VAL C 20 28.01 38.26 2.08
CA VAL C 20 27.82 39.58 1.40
C VAL C 20 26.70 40.35 2.09
N VAL C 21 25.74 39.65 2.72
CA VAL C 21 24.65 40.25 3.54
C VAL C 21 25.26 40.82 4.83
N ASP C 22 26.15 40.07 5.49
CA ASP C 22 26.91 40.52 6.69
C ASP C 22 27.68 41.79 6.32
N ASP C 23 28.34 41.80 5.16
CA ASP C 23 29.11 42.96 4.62
C ASP C 23 28.16 44.14 4.42
N TRP C 24 27.01 43.89 3.78
CA TRP C 24 25.95 44.90 3.50
C TRP C 24 25.47 45.55 4.81
N ILE C 25 25.27 44.74 5.85
CA ILE C 25 24.72 45.20 7.17
C ILE C 25 25.73 46.15 7.83
N GLU C 26 27.04 45.86 7.71
CA GLU C 26 28.11 46.76 8.20
C GLU C 26 28.12 48.05 7.36
N SER C 27 27.99 47.92 6.04
CA SER C 27 27.92 49.04 5.06
C SER C 27 26.73 49.96 5.38
N TYR C 28 25.63 49.40 5.86
CA TYR C 28 24.37 50.13 6.18
C TYR C 28 24.55 50.92 7.47
N LYS C 29 25.22 50.34 8.48
CA LYS C 29 25.55 51.01 9.77
C LYS C 29 26.53 52.16 9.50
N GLN C 30 27.45 51.98 8.53
CA GLN C 30 28.41 53.02 8.09
C GLN C 30 27.64 54.20 7.49
N ASP C 31 27.03 54.01 6.32
CA ASP C 31 26.17 55.02 5.64
C ASP C 31 24.98 54.30 5.01
N ARG C 32 23.77 54.59 5.51
CA ARG C 32 22.48 53.98 5.06
C ARG C 32 22.34 54.11 3.53
N ASP C 33 22.71 55.28 2.99
CA ASP C 33 22.36 55.72 1.61
C ASP C 33 23.19 54.94 0.57
N ILE C 34 24.51 54.81 0.77
CA ILE C 34 25.39 54.01 -0.14
C ILE C 34 24.91 52.56 -0.18
N ALA C 35 24.46 52.03 0.97
CA ALA C 35 24.03 50.63 1.16
C ALA C 35 22.72 50.39 0.40
N LEU C 36 21.67 51.16 0.72
CA LEU C 36 20.35 51.10 0.03
C LEU C 36 20.57 51.22 -1.48
N LEU C 37 21.39 52.19 -1.91
CA LEU C 37 21.75 52.42 -3.33
C LEU C 37 22.19 51.10 -3.98
N ASP C 38 23.10 50.37 -3.32
CA ASP C 38 23.60 49.05 -3.78
C ASP C 38 22.45 48.04 -3.83
N LEU C 39 21.55 48.07 -2.82
CA LEU C 39 20.36 47.18 -2.75
C LEU C 39 19.40 47.53 -3.88
N ILE C 40 19.18 48.83 -4.16
CA ILE C 40 18.35 49.30 -5.31
C ILE C 40 19.00 48.79 -6.59
N ASN C 41 20.31 49.04 -6.75
CA ASN C 41 21.11 48.64 -7.94
C ASN C 41 21.08 47.13 -8.11
N PHE C 42 21.04 46.37 -7.01
CA PHE C 42 20.94 44.88 -7.02
C PHE C 42 19.59 44.48 -7.62
N PHE C 43 18.50 45.02 -7.10
CA PHE C 43 17.10 44.71 -7.49
C PHE C 43 16.86 45.11 -8.95
N ILE C 44 17.46 46.21 -9.39
CA ILE C 44 17.41 46.71 -10.81
C ILE C 44 18.14 45.70 -11.70
N GLN C 45 19.34 45.26 -11.30
CA GLN C 45 20.18 44.30 -12.06
C GLN C 45 19.50 42.93 -12.12
N CYS C 46 18.77 42.55 -11.05
CA CYS C 46 17.94 41.32 -10.98
C CYS C 46 16.76 41.43 -11.96
N SER C 47 16.18 42.63 -12.07
CA SER C 47 15.01 42.94 -12.93
C SER C 47 15.38 42.88 -14.41
N GLY C 48 16.66 42.74 -14.74
CA GLY C 48 17.18 42.59 -16.11
C GLY C 48 17.96 43.81 -16.57
N CYS C 49 17.48 45.01 -16.21
CA CYS C 49 18.04 46.33 -16.60
C CYS C 49 19.53 46.40 -16.21
N ARG C 50 20.35 46.98 -17.09
CA ARG C 50 21.82 47.15 -16.90
C ARG C 50 22.06 48.31 -15.92
N GLY C 51 21.47 48.23 -14.72
CA GLY C 51 21.23 49.39 -13.83
C GLY C 51 22.42 49.73 -12.97
N THR C 52 22.74 51.03 -12.88
CA THR C 52 23.80 51.62 -12.02
C THR C 52 23.45 53.07 -11.72
N VAL C 53 22.52 53.28 -10.78
CA VAL C 53 22.15 54.61 -10.19
C VAL C 53 23.34 55.08 -9.34
N ARG C 54 23.57 56.40 -9.28
CA ARG C 54 24.62 57.03 -8.42
C ARG C 54 23.94 57.73 -7.24
N ILE C 55 24.72 58.16 -6.23
CA ILE C 55 24.20 58.58 -4.90
C ILE C 55 23.48 59.95 -5.04
N GLU C 56 23.84 60.77 -6.03
CA GLU C 56 23.26 62.12 -6.22
C GLU C 56 21.85 62.01 -6.85
N MET C 57 21.64 61.05 -7.74
CA MET C 57 20.32 60.80 -8.40
C MET C 57 19.51 59.77 -7.58
N PHE C 58 19.99 59.43 -6.37
CA PHE C 58 19.26 58.61 -5.37
C PHE C 58 18.60 59.53 -4.34
N ARG C 59 19.37 60.49 -3.80
CA ARG C 59 18.94 61.43 -2.72
C ARG C 59 17.90 62.42 -3.28
N ASN C 60 18.10 62.90 -4.51
CA ASN C 60 17.31 64.01 -5.13
C ASN C 60 16.53 63.51 -6.36
N MET C 61 15.94 62.31 -6.26
CA MET C 61 14.98 61.75 -7.25
C MET C 61 13.98 60.83 -6.54
N GLN C 62 12.83 60.57 -7.16
CA GLN C 62 11.76 59.67 -6.67
C GLN C 62 11.80 58.37 -7.47
N ASN C 63 11.21 57.29 -6.93
CA ASN C 63 11.20 55.93 -7.54
C ASN C 63 10.61 56.01 -8.97
N ALA C 64 9.50 56.74 -9.13
CA ALA C 64 8.76 56.93 -10.41
C ALA C 64 9.76 57.23 -11.55
N GLU C 65 10.74 58.10 -11.31
CA GLU C 65 11.79 58.50 -12.29
C GLU C 65 12.73 57.33 -12.56
N ILE C 66 13.17 56.65 -11.49
CA ILE C 66 14.12 55.50 -11.56
C ILE C 66 13.49 54.41 -12.44
N ILE C 67 12.16 54.26 -12.41
CA ILE C 67 11.42 53.29 -13.26
C ILE C 67 11.39 53.80 -14.71
N ARG C 68 11.09 55.09 -14.94
CA ARG C 68 11.12 55.70 -16.30
C ARG C 68 12.50 55.48 -16.90
N LYS C 69 13.54 55.90 -16.19
CA LYS C 69 14.98 55.74 -16.56
C LYS C 69 15.24 54.26 -16.90
N MET C 70 14.80 53.35 -16.04
CA MET C 70 14.93 51.88 -16.19
C MET C 70 14.19 51.40 -17.44
N THR C 71 12.88 51.67 -17.53
CA THR C 71 11.97 51.18 -18.60
C THR C 71 12.56 51.50 -19.98
N GLU C 72 13.22 52.67 -20.13
CA GLU C 72 13.85 53.15 -21.39
C GLU C 72 15.05 52.27 -21.78
N GLU C 73 15.74 51.66 -20.80
CA GLU C 73 17.03 50.94 -21.01
C GLU C 73 16.85 49.76 -21.96
N PHE C 74 15.73 49.03 -21.89
CA PHE C 74 15.38 47.92 -22.81
C PHE C 74 15.07 48.49 -24.20
N TYR C 81 15.77 38.23 -19.39
CA TYR C 81 16.05 38.74 -18.01
C TYR C 81 16.33 37.56 -17.08
N PRO C 82 17.18 37.74 -16.04
CA PRO C 82 17.76 36.63 -15.29
C PRO C 82 16.83 35.48 -14.85
N LEU C 83 15.61 35.81 -14.41
CA LEU C 83 14.65 34.83 -13.84
C LEU C 83 14.22 33.80 -14.90
N THR C 84 14.43 34.10 -16.20
CA THR C 84 14.05 33.23 -17.34
C THR C 84 15.17 33.11 -18.38
N MET C 85 16.39 33.56 -18.08
CA MET C 85 17.55 33.45 -19.01
C MET C 85 18.08 32.02 -18.97
N PRO C 86 18.24 31.36 -20.14
CA PRO C 86 18.79 30.00 -20.19
C PRO C 86 20.33 30.03 -20.18
N GLY C 87 20.95 28.86 -19.97
CA GLY C 87 22.42 28.71 -19.89
C GLY C 87 22.87 28.27 -18.50
N PRO C 88 24.12 27.78 -18.35
CA PRO C 88 24.59 27.23 -17.08
C PRO C 88 24.57 28.21 -15.90
N GLN C 89 24.94 29.48 -16.10
CA GLN C 89 25.24 30.46 -15.02
C GLN C 89 23.98 31.26 -14.63
N TRP C 90 22.82 31.00 -15.25
CA TRP C 90 21.51 31.63 -14.92
C TRP C 90 20.54 30.61 -14.31
N LYS C 91 20.93 29.33 -14.27
CA LYS C 91 20.04 28.19 -13.93
C LYS C 91 19.63 28.29 -12.45
N LYS C 92 20.59 28.59 -11.58
CA LYS C 92 20.42 28.61 -10.10
C LYS C 92 19.89 29.97 -9.63
N PHE C 93 19.76 30.95 -10.52
CA PHE C 93 19.46 32.37 -10.19
C PHE C 93 18.23 32.47 -9.29
N ARG C 94 17.11 31.86 -9.69
CA ARG C 94 15.79 32.01 -8.99
C ARG C 94 15.95 31.56 -7.53
N SER C 95 16.42 30.33 -7.33
CA SER C 95 16.67 29.73 -5.98
C SER C 95 17.51 30.68 -5.13
N ASN C 96 18.63 31.16 -5.69
CA ASN C 96 19.60 32.08 -5.02
C ASN C 96 18.92 33.40 -4.66
N PHE C 97 18.20 34.00 -5.61
CA PHE C 97 17.49 35.29 -5.49
C PHE C 97 16.54 35.26 -4.28
N CYS C 98 15.75 34.20 -4.16
CA CYS C 98 14.78 33.98 -3.05
C CYS C 98 15.55 33.76 -1.73
N GLU C 99 16.62 32.96 -1.77
CA GLU C 99 17.47 32.64 -0.59
C GLU C 99 18.05 33.94 -0.02
N PHE C 100 18.58 34.82 -0.89
CA PHE C 100 19.19 36.12 -0.52
C PHE C 100 18.21 36.94 0.32
N ILE C 101 16.99 37.11 -0.18
CA ILE C 101 15.90 37.93 0.44
C ILE C 101 15.61 37.37 1.83
N GLY C 102 15.56 36.03 1.95
CA GLY C 102 15.38 35.31 3.22
C GLY C 102 16.49 35.63 4.22
N VAL C 103 17.75 35.63 3.76
CA VAL C 103 18.94 35.93 4.60
C VAL C 103 18.90 37.42 4.99
N LEU C 104 18.85 38.30 3.99
CA LEU C 104 18.86 39.77 4.17
C LEU C 104 17.93 40.16 5.32
N ILE C 105 16.68 39.68 5.29
CA ILE C 105 15.62 40.04 6.28
C ILE C 105 15.93 39.32 7.61
N ARG C 106 16.34 38.05 7.56
CA ARG C 106 16.70 37.23 8.75
C ARG C 106 17.75 37.97 9.57
N GLN C 107 18.81 38.45 8.92
CA GLN C 107 19.97 39.12 9.58
C GLN C 107 19.60 40.55 9.99
N CYS C 108 18.68 41.20 9.28
CA CYS C 108 18.24 42.60 9.55
C CYS C 108 17.05 42.62 10.52
N GLN C 109 16.57 41.46 10.97
CA GLN C 109 15.22 41.31 11.61
C GLN C 109 15.19 41.95 13.01
N TYR C 110 16.34 42.23 13.63
CA TYR C 110 16.43 42.57 15.09
C TYR C 110 16.65 44.07 15.32
N SER C 111 16.87 44.88 14.27
CA SER C 111 16.89 46.36 14.39
C SER C 111 16.69 47.06 13.04
N ILE C 112 17.55 46.77 12.04
CA ILE C 112 17.58 47.49 10.73
C ILE C 112 16.18 47.47 10.09
N ILE C 113 15.42 46.39 10.28
CA ILE C 113 14.06 46.20 9.70
C ILE C 113 13.11 47.26 10.27
N TYR C 114 13.30 47.63 11.55
CA TYR C 114 12.39 48.52 12.33
C TYR C 114 12.75 49.99 12.16
N ASP C 115 13.95 50.31 11.65
CA ASP C 115 14.26 51.69 11.18
C ASP C 115 13.33 51.95 9.99
N GLU C 116 12.81 53.18 9.88
CA GLU C 116 11.66 53.50 9.00
C GLU C 116 12.17 54.02 7.65
N TYR C 117 13.21 53.36 7.10
CA TYR C 117 13.95 53.81 5.89
C TYR C 117 14.28 52.61 4.99
N MET C 118 14.94 51.57 5.51
CA MET C 118 15.42 50.40 4.73
C MET C 118 14.26 49.71 4.02
N MET C 119 13.22 49.32 4.76
CA MET C 119 12.08 48.52 4.26
C MET C 119 11.16 49.37 3.39
N ASP C 120 10.86 50.60 3.84
CA ASP C 120 9.98 51.55 3.11
C ASP C 120 10.55 51.82 1.71
N THR C 121 11.88 51.86 1.59
CA THR C 121 12.62 52.06 0.31
C THR C 121 12.46 50.81 -0.56
N VAL C 122 12.74 49.63 -0.01
CA VAL C 122 12.68 48.32 -0.73
C VAL C 122 11.24 48.07 -1.20
N ILE C 123 10.26 48.19 -0.30
CA ILE C 123 8.81 47.94 -0.61
C ILE C 123 8.37 48.94 -1.69
N SER C 124 8.70 50.23 -1.52
CA SER C 124 8.36 51.32 -2.47
C SER C 124 8.84 50.93 -3.88
N LEU C 125 10.14 50.62 -4.01
CA LEU C 125 10.76 50.23 -5.31
C LEU C 125 10.03 49.00 -5.88
N LEU C 126 9.73 48.00 -5.05
CA LEU C 126 9.08 46.72 -5.47
C LEU C 126 7.64 47.01 -5.93
N THR C 127 6.87 47.78 -5.16
CA THR C 127 5.48 48.20 -5.49
C THR C 127 5.47 48.91 -6.84
N GLY C 128 6.39 49.87 -7.04
CA GLY C 128 6.56 50.62 -8.30
C GLY C 128 6.82 49.69 -9.48
N LEU C 129 7.79 48.77 -9.32
CA LEU C 129 8.20 47.79 -10.36
C LEU C 129 7.04 46.82 -10.66
N SER C 130 6.20 46.52 -9.66
CA SER C 130 5.10 45.53 -9.75
C SER C 130 3.91 46.11 -10.54
N ASP C 131 4.05 47.32 -11.11
CA ASP C 131 3.03 47.96 -11.99
C ASP C 131 3.60 48.12 -13.42
N SER C 132 4.93 48.21 -13.56
CA SER C 132 5.65 48.36 -14.86
C SER C 132 4.98 47.53 -15.96
N GLN C 133 4.86 48.09 -17.16
CA GLN C 133 4.32 47.41 -18.37
C GLN C 133 5.30 46.34 -18.85
N VAL C 134 6.53 46.32 -18.30
CA VAL C 134 7.58 45.30 -18.62
C VAL C 134 7.34 44.06 -17.77
N ARG C 135 7.43 42.89 -18.40
CA ARG C 135 7.26 41.54 -17.77
C ARG C 135 8.39 41.32 -16.76
N ALA C 136 9.64 41.57 -17.17
CA ALA C 136 10.87 41.39 -16.36
C ALA C 136 10.76 42.12 -15.02
N PHE C 137 10.27 43.36 -15.04
CA PHE C 137 10.11 44.22 -13.82
C PHE C 137 8.98 43.67 -12.95
N ARG C 138 7.87 43.23 -13.55
CA ARG C 138 6.66 42.77 -12.83
C ARG C 138 6.90 41.35 -12.28
N HIS C 139 7.68 40.53 -12.98
CA HIS C 139 7.99 39.12 -12.61
C HIS C 139 8.95 39.10 -11.41
N THR C 140 10.07 39.83 -11.50
CA THR C 140 11.16 39.84 -10.48
C THR C 140 10.70 40.55 -9.20
N SER C 141 10.03 41.70 -9.34
CA SER C 141 9.53 42.53 -8.21
C SER C 141 8.51 41.72 -7.39
N THR C 142 7.57 41.06 -8.07
CA THR C 142 6.49 40.25 -7.47
C THR C 142 7.09 39.06 -6.71
N LEU C 143 7.99 38.31 -7.36
CA LEU C 143 8.68 37.14 -6.74
C LEU C 143 9.39 37.61 -5.45
N ALA C 144 10.13 38.72 -5.54
CA ALA C 144 10.87 39.34 -4.41
C ALA C 144 9.90 39.76 -3.31
N ALA C 145 8.79 40.39 -3.69
CA ALA C 145 7.73 40.89 -2.77
C ALA C 145 7.11 39.71 -2.01
N MET C 146 6.81 38.62 -2.70
CA MET C 146 6.20 37.39 -2.12
C MET C 146 7.19 36.73 -1.16
N LYS C 147 8.48 36.69 -1.52
CA LYS C 147 9.56 36.09 -0.68
C LYS C 147 9.87 37.01 0.52
N LEU C 148 9.84 38.33 0.29
CA LEU C 148 9.99 39.36 1.35
C LEU C 148 8.86 39.17 2.38
N MET C 149 7.62 39.08 1.91
CA MET C 149 6.42 38.85 2.76
C MET C 149 6.64 37.61 3.63
N THR C 150 7.04 36.48 3.03
CA THR C 150 7.33 35.20 3.75
C THR C 150 8.42 35.43 4.80
N ALA C 151 9.52 36.08 4.42
CA ALA C 151 10.65 36.45 5.31
C ALA C 151 10.09 37.20 6.53
N LEU C 152 9.15 38.12 6.31
CA LEU C 152 8.51 38.94 7.37
C LEU C 152 7.58 38.06 8.22
N VAL C 153 6.94 37.05 7.64
CA VAL C 153 6.05 36.09 8.38
C VAL C 153 6.90 35.33 9.40
N ASN C 154 8.17 35.03 9.08
CA ASN C 154 9.12 34.36 10.00
C ASN C 154 9.57 35.35 11.08
N VAL C 155 9.74 36.63 10.75
CA VAL C 155 10.01 37.70 11.75
C VAL C 155 8.86 37.71 12.75
N ALA C 156 7.62 37.78 12.25
CA ALA C 156 6.37 37.80 13.06
C ALA C 156 6.28 36.55 13.92
N LEU C 157 6.70 35.40 13.37
CA LEU C 157 6.67 34.07 14.03
C LEU C 157 7.63 34.07 15.23
N ASN C 158 8.89 34.49 15.00
CA ASN C 158 9.94 34.70 16.04
C ASN C 158 9.37 35.55 17.19
N LEU C 159 8.67 36.65 16.86
CA LEU C 159 8.12 37.62 17.84
C LEU C 159 7.05 36.94 18.71
N SER C 160 6.10 36.24 18.08
CA SER C 160 4.96 35.57 18.77
C SER C 160 5.46 34.48 19.72
N ILE C 161 6.62 33.89 19.44
CA ILE C 161 7.33 32.93 20.35
C ILE C 161 7.85 33.70 21.57
N HIS C 162 8.50 34.84 21.36
CA HIS C 162 8.97 35.78 22.42
C HIS C 162 7.77 36.33 23.19
N GLN C 163 6.62 36.48 22.53
CA GLN C 163 5.35 36.99 23.14
C GLN C 163 4.69 35.90 24.00
N ASP C 164 5.04 34.63 23.78
CA ASP C 164 4.59 33.48 24.61
C ASP C 164 5.54 33.31 25.79
N ASN C 165 6.86 33.40 25.55
CA ASN C 165 7.93 33.31 26.57
C ASN C 165 7.97 34.58 27.42
N THR C 166 7.01 35.50 27.22
CA THR C 166 6.83 36.76 28.01
C THR C 166 5.55 36.65 28.84
N GLN C 167 4.47 36.13 28.25
CA GLN C 167 3.17 35.89 28.94
C GLN C 167 3.33 34.76 29.97
N ARG C 168 4.27 33.83 29.73
CA ARG C 168 4.55 32.68 30.64
C ARG C 168 5.61 33.08 31.69
N GLN C 169 6.56 33.94 31.33
CA GLN C 169 7.48 34.61 32.29
C GLN C 169 6.65 35.34 33.36
N TYR C 170 5.56 35.98 32.90
CA TYR C 170 4.60 36.76 33.72
C TYR C 170 4.12 35.91 34.92
N GLU C 171 3.75 34.65 34.66
CA GLU C 171 3.39 33.65 35.70
C GLU C 171 4.68 33.09 36.32
N GLU C 187 7.13 42.69 36.41
CA GLU C 187 7.33 44.17 36.38
C GLU C 187 8.03 44.56 35.07
N LEU C 188 9.30 44.16 34.91
CA LEU C 188 10.13 44.33 33.69
C LEU C 188 9.42 43.67 32.50
N LEU C 189 8.65 42.60 32.76
CA LEU C 189 8.01 41.73 31.75
C LEU C 189 6.83 42.45 31.06
N LEU C 190 6.05 43.25 31.80
CA LEU C 190 4.90 44.01 31.24
C LEU C 190 5.40 44.99 30.17
N GLN C 191 6.64 45.46 30.29
CA GLN C 191 7.26 46.44 29.35
C GLN C 191 7.79 45.69 28.10
N LYS C 192 8.25 44.44 28.26
CA LYS C 192 8.71 43.59 27.12
C LYS C 192 7.49 43.23 26.26
N ARG C 193 6.36 42.86 26.90
CA ARG C 193 5.07 42.59 26.21
C ARG C 193 4.78 43.74 25.23
N LYS C 194 4.91 44.98 25.68
CA LYS C 194 4.55 46.20 24.90
C LYS C 194 5.53 46.39 23.74
N GLU C 195 6.84 46.24 23.99
CA GLU C 195 7.91 46.34 22.95
C GLU C 195 7.65 45.32 21.83
N LEU C 196 7.39 44.07 22.19
CA LEU C 196 7.14 42.94 21.24
C LEU C 196 5.91 43.26 20.38
N GLN C 197 4.83 43.78 20.99
CA GLN C 197 3.57 44.11 20.28
C GLN C 197 3.78 45.31 19.35
N GLU C 198 4.60 46.27 19.74
CA GLU C 198 4.92 47.48 18.92
C GLU C 198 5.77 47.05 17.72
N ASN C 199 6.61 46.01 17.90
CA ASN C 199 7.41 45.39 16.81
C ASN C 199 6.46 44.65 15.85
N GLN C 200 5.55 43.83 16.38
CA GLN C 200 4.53 43.08 15.60
C GLN C 200 3.79 44.06 14.67
N ASP C 201 3.28 45.16 15.23
CA ASP C 201 2.49 46.20 14.51
C ASP C 201 3.33 46.76 13.36
N GLU C 202 4.64 46.94 13.57
CA GLU C 202 5.59 47.43 12.54
C GLU C 202 5.73 46.39 11.43
N ILE C 203 5.81 45.10 11.78
CA ILE C 203 5.90 43.97 10.80
C ILE C 203 4.59 43.92 9.99
N GLU C 204 3.44 44.04 10.66
CA GLU C 204 2.09 44.02 10.01
C GLU C 204 1.99 45.13 8.96
N ASN C 205 2.40 46.36 9.31
CA ASN C 205 2.41 47.52 8.38
C ASN C 205 3.05 47.11 7.06
N MET C 206 4.27 46.56 7.14
CA MET C 206 5.11 46.17 5.98
C MET C 206 4.42 45.05 5.19
N MET C 207 3.74 44.13 5.88
CA MET C 207 2.95 43.03 5.27
C MET C 207 1.72 43.61 4.57
N ASN C 208 0.96 44.45 5.28
CA ASN C 208 -0.23 45.16 4.74
C ASN C 208 0.18 45.95 3.49
N SER C 209 1.39 46.53 3.51
CA SER C 209 1.94 47.40 2.44
C SER C 209 2.28 46.58 1.19
N ILE C 210 2.87 45.39 1.37
CA ILE C 210 3.22 44.44 0.26
C ILE C 210 1.93 43.81 -0.27
N PHE C 211 1.04 43.36 0.64
CA PHE C 211 -0.19 42.61 0.30
C PHE C 211 -1.12 43.51 -0.52
N LYS C 212 -1.50 44.67 0.03
CA LYS C 212 -2.44 45.63 -0.61
C LYS C 212 -1.75 46.33 -1.81
N GLY C 213 -0.43 46.51 -1.74
CA GLY C 213 0.35 47.22 -2.76
C GLY C 213 0.69 46.36 -3.97
N ILE C 214 1.09 45.09 -3.75
CA ILE C 214 1.61 44.17 -4.80
C ILE C 214 0.64 43.00 -4.99
N PHE C 215 0.30 42.25 -3.94
CA PHE C 215 -0.42 40.95 -4.03
C PHE C 215 -1.76 41.11 -4.77
N VAL C 216 -2.65 41.97 -4.25
CA VAL C 216 -4.08 42.05 -4.68
C VAL C 216 -4.18 42.50 -6.14
N HIS C 217 -3.12 43.09 -6.70
CA HIS C 217 -3.02 43.44 -8.15
C HIS C 217 -2.36 42.29 -8.92
N ARG C 218 -1.28 41.71 -8.37
CA ARG C 218 -0.38 40.76 -9.09
C ARG C 218 -1.01 39.37 -9.20
N TYR C 219 -1.93 38.99 -8.32
CA TYR C 219 -2.57 37.64 -8.36
C TYR C 219 -3.54 37.54 -9.54
N ARG C 220 -3.97 38.69 -10.09
CA ARG C 220 -4.80 38.78 -11.33
C ARG C 220 -3.93 39.21 -12.53
N ASP C 221 -2.61 39.05 -12.43
CA ASP C 221 -1.63 39.51 -13.46
C ASP C 221 -1.95 38.82 -14.79
N ALA C 222 -1.70 39.53 -15.91
CA ALA C 222 -1.86 39.05 -17.30
C ALA C 222 -1.13 37.72 -17.50
N ILE C 223 0.09 37.61 -16.96
CA ILE C 223 0.99 36.43 -17.09
C ILE C 223 0.64 35.40 -16.01
N ALA C 224 0.58 34.12 -16.39
CA ALA C 224 0.14 33.00 -15.53
C ALA C 224 1.17 32.74 -14.41
N GLU C 225 2.47 32.70 -14.75
CA GLU C 225 3.58 32.41 -13.81
C GLU C 225 3.51 33.37 -12.61
N ILE C 226 3.09 34.62 -12.83
CA ILE C 226 3.01 35.69 -11.79
C ILE C 226 1.80 35.43 -10.87
N ARG C 227 0.67 34.97 -11.43
CA ARG C 227 -0.51 34.56 -10.63
C ARG C 227 -0.12 33.36 -9.75
N ALA C 228 0.59 32.40 -10.34
CA ALA C 228 1.08 31.16 -9.70
C ALA C 228 1.98 31.50 -8.50
N ILE C 229 2.96 32.38 -8.72
CA ILE C 229 3.91 32.89 -7.68
C ILE C 229 3.11 33.44 -6.50
N CYS C 230 2.07 34.23 -6.76
CA CYS C 230 1.22 34.89 -5.73
C CYS C 230 0.42 33.83 -4.96
N ILE C 231 -0.24 32.91 -5.67
CA ILE C 231 -1.13 31.86 -5.06
C ILE C 231 -0.28 30.90 -4.22
N GLU C 232 0.88 30.48 -4.74
CA GLU C 232 1.79 29.54 -4.04
C GLU C 232 2.16 30.12 -2.67
N GLU C 233 2.50 31.41 -2.62
CA GLU C 233 3.10 32.04 -1.42
C GLU C 233 2.01 32.38 -0.39
N ILE C 234 0.81 32.79 -0.83
CA ILE C 234 -0.33 33.01 0.12
C ILE C 234 -0.66 31.67 0.78
N GLY C 235 -0.53 30.57 0.05
CA GLY C 235 -0.61 29.19 0.59
C GLY C 235 0.39 28.99 1.72
N VAL C 236 1.64 29.43 1.51
CA VAL C 236 2.76 29.32 2.48
C VAL C 236 2.41 30.08 3.77
N TRP C 237 2.03 31.35 3.65
CA TRP C 237 1.73 32.24 4.81
C TRP C 237 0.62 31.60 5.65
N MET C 238 -0.46 31.17 4.99
CA MET C 238 -1.67 30.58 5.64
C MET C 238 -1.30 29.29 6.39
N LYS C 239 -0.34 28.51 5.88
CA LYS C 239 0.09 27.25 6.54
C LYS C 239 1.06 27.57 7.69
N MET C 240 2.04 28.45 7.47
CA MET C 240 3.20 28.65 8.39
C MET C 240 2.79 29.53 9.59
N TYR C 241 1.84 30.44 9.41
CA TYR C 241 1.32 31.35 10.48
C TYR C 241 -0.20 31.45 10.36
N SER C 242 -0.88 30.32 10.58
CA SER C 242 -2.34 30.13 10.37
C SER C 242 -3.15 31.08 11.26
N ASP C 243 -2.74 31.26 12.52
CA ASP C 243 -3.45 32.10 13.53
C ASP C 243 -3.71 33.50 12.97
N ALA C 244 -2.76 34.05 12.19
CA ALA C 244 -2.80 35.41 11.62
C ALA C 244 -3.44 35.39 10.22
N PHE C 245 -3.08 34.40 9.39
CA PHE C 245 -3.28 34.42 7.92
C PHE C 245 -4.40 33.49 7.46
N LEU C 246 -4.69 32.40 8.18
CA LEU C 246 -5.78 31.44 7.80
C LEU C 246 -7.12 31.98 8.30
N ASN C 247 -7.74 32.87 7.52
CA ASN C 247 -9.11 33.41 7.72
C ASN C 247 -9.73 33.69 6.34
N ASP C 248 -11.00 34.06 6.31
CA ASP C 248 -11.82 34.15 5.06
C ASP C 248 -11.35 35.33 4.19
N SER C 249 -10.69 36.33 4.77
CA SER C 249 -10.18 37.53 4.06
C SER C 249 -9.00 37.15 3.14
N TYR C 250 -8.17 36.19 3.57
CA TYR C 250 -6.99 35.68 2.80
C TYR C 250 -7.41 34.52 1.90
N LEU C 251 -8.28 33.64 2.39
CA LEU C 251 -8.70 32.39 1.67
C LEU C 251 -9.45 32.73 0.39
N LYS C 252 -10.27 33.80 0.40
CA LYS C 252 -11.14 34.20 -0.75
C LYS C 252 -10.31 34.29 -2.03
N TYR C 253 -9.02 34.65 -1.93
CA TYR C 253 -8.09 34.86 -3.07
C TYR C 253 -7.75 33.53 -3.76
N VAL C 254 -7.50 32.49 -2.96
CA VAL C 254 -7.22 31.11 -3.48
C VAL C 254 -8.50 30.59 -4.14
N GLY C 255 -9.64 30.79 -3.46
CA GLY C 255 -10.99 30.48 -3.97
C GLY C 255 -11.22 31.03 -5.37
N TRP C 256 -11.29 32.36 -5.53
CA TRP C 256 -11.61 33.05 -6.81
C TRP C 256 -10.72 32.52 -7.93
N THR C 257 -9.47 32.14 -7.61
CA THR C 257 -8.42 31.76 -8.57
C THR C 257 -8.56 30.29 -8.97
N LEU C 258 -9.36 29.49 -8.26
CA LEU C 258 -9.72 28.10 -8.67
C LEU C 258 -10.28 28.14 -10.10
N HIS C 259 -11.04 29.20 -10.43
CA HIS C 259 -11.65 29.44 -11.76
C HIS C 259 -10.61 29.91 -12.79
N ASP C 260 -9.32 29.63 -12.59
CA ASP C 260 -8.24 30.24 -13.40
C ASP C 260 -8.18 29.59 -14.79
N ARG C 261 -7.73 30.35 -15.79
CA ARG C 261 -7.64 29.97 -17.22
C ARG C 261 -6.59 28.85 -17.41
N GLN C 262 -5.54 28.84 -16.59
CA GLN C 262 -4.31 28.03 -16.81
C GLN C 262 -4.18 26.94 -15.74
N GLY C 263 -3.77 25.74 -16.15
CA GLY C 263 -3.56 24.56 -15.27
C GLY C 263 -2.52 24.85 -14.21
N GLU C 264 -1.38 25.44 -14.61
CA GLU C 264 -0.27 25.86 -13.72
C GLU C 264 -0.84 26.53 -12.47
N VAL C 265 -1.79 27.46 -12.63
CA VAL C 265 -2.34 28.31 -11.53
C VAL C 265 -3.32 27.49 -10.70
N ARG C 266 -4.23 26.75 -11.33
CA ARG C 266 -5.27 25.94 -10.64
C ARG C 266 -4.59 24.88 -9.77
N LEU C 267 -3.47 24.31 -10.25
CA LEU C 267 -2.59 23.39 -9.49
C LEU C 267 -2.19 24.05 -8.16
N LYS C 268 -1.66 25.28 -8.23
CA LYS C 268 -1.11 26.03 -7.07
C LYS C 268 -2.22 26.29 -6.03
N CYS C 269 -3.45 26.56 -6.49
CA CYS C 269 -4.64 26.77 -5.61
C CYS C 269 -4.96 25.48 -4.85
N LEU C 270 -4.79 24.32 -5.50
CA LEU C 270 -5.11 22.99 -4.91
C LEU C 270 -3.99 22.59 -3.94
N LYS C 271 -2.72 22.68 -4.37
CA LYS C 271 -1.54 22.37 -3.52
C LYS C 271 -1.57 23.25 -2.27
N ALA C 272 -1.88 24.54 -2.42
CA ALA C 272 -2.02 25.52 -1.32
C ALA C 272 -3.12 25.06 -0.36
N LEU C 273 -4.31 24.74 -0.90
CA LEU C 273 -5.50 24.32 -0.12
C LEU C 273 -5.24 22.96 0.54
N GLN C 274 -4.68 22.00 -0.21
CA GLN C 274 -4.29 20.66 0.30
C GLN C 274 -3.61 20.84 1.67
N SER C 275 -2.50 21.59 1.70
CA SER C 275 -1.58 21.73 2.85
C SER C 275 -2.34 22.22 4.10
N LEU C 276 -3.44 22.96 3.91
CA LEU C 276 -4.30 23.45 5.03
C LEU C 276 -5.21 22.31 5.50
N TYR C 277 -5.88 21.63 4.57
CA TYR C 277 -6.91 20.59 4.84
C TYR C 277 -6.26 19.29 5.38
N THR C 278 -4.99 19.01 5.05
CA THR C 278 -4.25 17.80 5.49
C THR C 278 -4.19 17.74 7.02
N ASN C 279 -4.07 18.91 7.65
CA ASN C 279 -3.93 19.07 9.12
C ASN C 279 -5.33 19.38 9.69
N ARG C 280 -5.97 18.39 10.30
CA ARG C 280 -7.21 18.54 11.12
C ARG C 280 -6.92 19.62 12.17
N GLU C 281 -7.96 20.18 12.79
CA GLU C 281 -7.89 21.29 13.79
C GLU C 281 -7.89 22.64 13.07
N LEU C 282 -7.30 22.71 11.86
CA LEU C 282 -7.49 23.85 10.91
C LEU C 282 -8.90 23.79 10.33
N PHE C 283 -9.44 22.58 10.18
CA PHE C 283 -10.78 22.28 9.59
C PHE C 283 -11.82 23.30 10.01
N PRO C 284 -12.03 23.56 11.34
CA PRO C 284 -12.91 24.63 11.78
C PRO C 284 -12.77 25.96 11.02
N LYS C 285 -11.54 26.34 10.67
CA LYS C 285 -11.19 27.62 10.01
C LYS C 285 -11.54 27.55 8.52
N LEU C 286 -11.55 26.34 7.94
CA LEU C 286 -11.91 26.09 6.50
C LEU C 286 -13.43 25.97 6.34
N GLU C 287 -14.18 25.92 7.45
CA GLU C 287 -15.67 25.76 7.49
C GLU C 287 -16.34 26.54 6.36
N LEU C 288 -16.36 27.87 6.46
CA LEU C 288 -17.14 28.77 5.57
C LEU C 288 -16.56 28.74 4.15
N PHE C 289 -15.25 28.52 4.03
CA PHE C 289 -14.55 28.46 2.71
C PHE C 289 -15.02 27.22 1.93
N THR C 290 -15.15 26.07 2.60
CA THR C 290 -15.57 24.78 1.99
C THR C 290 -16.98 24.93 1.41
N ASN C 291 -17.94 25.41 2.23
CA ASN C 291 -19.35 25.67 1.83
C ASN C 291 -19.39 26.52 0.57
N ARG C 292 -18.65 27.63 0.56
CA ARG C 292 -18.71 28.68 -0.49
C ARG C 292 -18.05 28.20 -1.79
N PHE C 293 -17.12 27.23 -1.73
CA PHE C 293 -16.23 26.87 -2.87
C PHE C 293 -16.28 25.38 -3.22
N LYS C 294 -17.08 24.55 -2.53
CA LYS C 294 -17.09 23.07 -2.77
C LYS C 294 -17.56 22.79 -4.21
N ASP C 295 -18.45 23.60 -4.77
CA ASP C 295 -18.92 23.48 -6.18
C ASP C 295 -17.73 23.46 -7.13
N ARG C 296 -16.86 24.47 -7.05
CA ARG C 296 -15.73 24.65 -8.00
C ARG C 296 -14.66 23.59 -7.73
N ILE C 297 -14.40 23.27 -6.45
CA ILE C 297 -13.38 22.26 -6.05
C ILE C 297 -13.74 20.91 -6.68
N VAL C 298 -14.94 20.38 -6.39
CA VAL C 298 -15.38 19.01 -6.80
C VAL C 298 -15.30 18.85 -8.32
N SER C 299 -15.69 19.89 -9.08
CA SER C 299 -15.79 19.86 -10.56
C SER C 299 -14.39 19.76 -11.20
N MET C 300 -13.34 20.12 -10.46
CA MET C 300 -11.92 20.06 -10.93
C MET C 300 -11.38 18.63 -10.77
N THR C 301 -12.09 17.74 -10.08
CA THR C 301 -11.72 16.30 -9.94
C THR C 301 -11.78 15.62 -11.32
N LEU C 302 -12.58 16.18 -12.25
CA LEU C 302 -12.56 15.88 -13.70
C LEU C 302 -12.20 17.16 -14.46
N ASP C 303 -11.00 17.71 -14.18
CA ASP C 303 -10.58 19.07 -14.65
C ASP C 303 -10.49 19.10 -16.18
N LYS C 304 -9.70 18.18 -16.75
CA LYS C 304 -9.32 18.11 -18.20
C LYS C 304 -7.80 17.97 -18.26
N GLU C 305 -7.09 18.90 -17.59
CA GLU C 305 -5.64 18.76 -17.25
C GLU C 305 -5.54 17.66 -16.19
N TYR C 306 -4.91 16.53 -16.53
CA TYR C 306 -4.88 15.29 -15.71
C TYR C 306 -4.29 15.58 -14.32
N ASP C 307 -3.19 16.36 -14.26
CA ASP C 307 -2.42 16.61 -13.01
C ASP C 307 -3.21 17.55 -12.09
N VAL C 308 -4.10 18.40 -12.63
CA VAL C 308 -5.03 19.25 -11.81
C VAL C 308 -6.06 18.34 -11.15
N ALA C 309 -6.68 17.46 -11.95
CA ALA C 309 -7.73 16.49 -11.55
C ALA C 309 -7.25 15.68 -10.34
N VAL C 310 -6.04 15.13 -10.43
CA VAL C 310 -5.45 14.23 -9.38
C VAL C 310 -5.35 15.01 -8.07
N GLU C 311 -4.89 16.27 -8.12
CA GLU C 311 -4.76 17.17 -6.94
C GLU C 311 -6.16 17.49 -6.38
N ALA C 312 -7.12 17.78 -7.26
CA ALA C 312 -8.52 18.07 -6.89
C ALA C 312 -9.11 16.86 -6.16
N ILE C 313 -8.82 15.65 -6.62
CA ILE C 313 -9.28 14.39 -5.96
C ILE C 313 -8.60 14.30 -4.59
N ARG C 314 -7.26 14.40 -4.55
CA ARG C 314 -6.47 14.39 -3.28
C ARG C 314 -7.05 15.43 -2.31
N LEU C 315 -7.43 16.62 -2.82
CA LEU C 315 -8.00 17.72 -2.02
C LEU C 315 -9.37 17.28 -1.48
N VAL C 316 -10.26 16.79 -2.35
CA VAL C 316 -11.66 16.44 -1.99
C VAL C 316 -11.66 15.28 -0.98
N THR C 317 -10.86 14.22 -1.21
CA THR C 317 -10.74 13.06 -0.27
C THR C 317 -10.08 13.53 1.04
N LEU C 318 -9.25 14.57 1.00
CA LEU C 318 -8.71 15.24 2.21
C LEU C 318 -9.84 15.97 2.94
N ILE C 319 -10.68 16.71 2.20
CA ILE C 319 -11.88 17.43 2.76
C ILE C 319 -12.86 16.39 3.33
N LEU C 320 -13.09 15.28 2.61
CA LEU C 320 -14.07 14.23 2.99
C LEU C 320 -13.74 13.75 4.41
N HIS C 321 -12.47 13.39 4.66
CA HIS C 321 -11.96 12.90 5.97
C HIS C 321 -12.08 14.01 7.01
N GLY C 322 -13.31 14.27 7.49
CA GLY C 322 -13.66 15.32 8.46
C GLY C 322 -14.62 14.80 9.52
N THR D 5 29.76 43.11 -6.67
CA THR D 5 28.40 43.63 -6.33
C THR D 5 27.54 42.50 -5.72
N LEU D 6 26.47 42.89 -5.02
CA LEU D 6 25.42 41.97 -4.51
C LEU D 6 24.96 41.04 -5.64
N PHE D 7 24.73 41.60 -6.83
CA PHE D 7 24.21 40.87 -8.02
C PHE D 7 25.09 39.65 -8.32
N GLU D 8 26.39 39.87 -8.50
CA GLU D 8 27.36 38.84 -8.97
C GLU D 8 27.48 37.72 -7.92
N VAL D 9 27.45 38.07 -6.63
CA VAL D 9 27.50 37.10 -5.49
C VAL D 9 26.24 36.23 -5.53
N VAL D 10 25.07 36.85 -5.76
CA VAL D 10 23.74 36.18 -5.76
C VAL D 10 23.63 35.27 -6.99
N LYS D 11 23.91 35.81 -8.19
CA LYS D 11 23.90 35.04 -9.47
C LYS D 11 24.71 33.75 -9.30
N LEU D 12 25.97 33.88 -8.88
CA LEU D 12 26.96 32.78 -8.74
C LEU D 12 26.52 31.84 -7.61
N GLY D 13 26.06 32.40 -6.49
CA GLY D 13 25.50 31.66 -5.33
C GLY D 13 26.43 30.58 -4.82
N LYS D 14 27.73 30.88 -4.70
CA LYS D 14 28.77 29.95 -4.20
C LYS D 14 28.41 29.50 -2.77
N SER D 15 28.66 28.22 -2.47
CA SER D 15 28.39 27.58 -1.15
C SER D 15 29.43 28.06 -0.13
N ALA D 16 29.18 27.78 1.15
CA ALA D 16 30.13 28.02 2.26
C ALA D 16 31.45 27.30 1.95
N MET D 17 31.36 26.04 1.54
CA MET D 17 32.52 25.13 1.36
C MET D 17 33.30 25.49 0.09
N GLN D 18 32.62 25.82 -1.02
CA GLN D 18 33.33 26.20 -2.27
C GLN D 18 34.05 27.54 -2.07
N SER D 19 33.47 28.43 -1.26
CA SER D 19 34.06 29.75 -0.92
C SER D 19 35.42 29.56 -0.24
N VAL D 20 35.50 28.67 0.77
CA VAL D 20 36.76 28.42 1.53
C VAL D 20 37.75 27.67 0.63
N VAL D 21 37.28 26.71 -0.16
CA VAL D 21 38.15 25.85 -1.02
C VAL D 21 38.82 26.71 -2.09
N ASP D 22 38.10 27.65 -2.72
CA ASP D 22 38.67 28.59 -3.73
C ASP D 22 39.75 29.44 -3.06
N ASP D 23 39.49 29.94 -1.85
CA ASP D 23 40.46 30.74 -1.05
C ASP D 23 41.70 29.90 -0.78
N TRP D 24 41.52 28.63 -0.39
CA TRP D 24 42.65 27.71 -0.04
C TRP D 24 43.52 27.44 -1.28
N ILE D 25 42.92 27.34 -2.46
CA ILE D 25 43.63 26.98 -3.72
C ILE D 25 44.51 28.18 -4.16
N GLU D 26 44.01 29.41 -4.05
CA GLU D 26 44.82 30.64 -4.26
C GLU D 26 46.00 30.62 -3.26
N SER D 27 45.71 30.34 -1.99
CA SER D 27 46.70 30.24 -0.89
C SER D 27 47.79 29.23 -1.26
N TYR D 28 47.41 28.10 -1.86
CA TYR D 28 48.31 27.00 -2.31
C TYR D 28 49.19 27.49 -3.46
N LYS D 29 48.61 28.28 -4.38
CA LYS D 29 49.31 28.87 -5.57
C LYS D 29 50.27 29.97 -5.10
N GLN D 30 49.98 30.62 -3.96
CA GLN D 30 50.83 31.68 -3.36
C GLN D 30 52.04 31.02 -2.69
N ASP D 31 51.79 30.10 -1.75
CA ASP D 31 52.83 29.29 -1.05
C ASP D 31 52.24 27.92 -0.70
N ARG D 32 52.70 26.87 -1.38
CA ARG D 32 52.26 25.45 -1.18
C ARG D 32 52.45 25.06 0.28
N ASP D 33 53.58 25.44 0.88
CA ASP D 33 54.03 24.97 2.23
C ASP D 33 53.09 25.51 3.32
N ILE D 34 52.77 26.81 3.32
CA ILE D 34 51.92 27.42 4.39
C ILE D 34 50.47 26.96 4.17
N ALA D 35 50.08 26.70 2.92
CA ALA D 35 48.72 26.22 2.55
C ALA D 35 48.52 24.80 3.10
N LEU D 36 49.38 23.87 2.68
CA LEU D 36 49.41 22.47 3.20
C LEU D 36 49.41 22.48 4.74
N LEU D 37 50.20 23.36 5.35
CA LEU D 37 50.29 23.49 6.83
C LEU D 37 48.91 23.83 7.40
N ASP D 38 48.17 24.74 6.76
CA ASP D 38 46.78 25.11 7.16
C ASP D 38 45.89 23.86 7.04
N LEU D 39 46.04 23.08 5.96
CA LEU D 39 45.23 21.86 5.70
C LEU D 39 45.58 20.77 6.71
N ILE D 40 46.87 20.62 7.05
CA ILE D 40 47.33 19.69 8.12
C ILE D 40 46.71 20.13 9.45
N ASN D 41 46.80 21.42 9.76
CA ASN D 41 46.27 22.02 11.02
C ASN D 41 44.75 21.92 11.05
N PHE D 42 44.09 21.90 9.90
CA PHE D 42 42.61 21.77 9.78
C PHE D 42 42.18 20.43 10.38
N PHE D 43 42.81 19.33 9.98
CA PHE D 43 42.47 17.94 10.42
C PHE D 43 42.81 17.76 11.90
N ILE D 44 43.93 18.32 12.35
CA ILE D 44 44.36 18.31 13.79
C ILE D 44 43.27 19.01 14.62
N GLN D 45 42.92 20.24 14.25
CA GLN D 45 41.95 21.09 14.98
C GLN D 45 40.55 20.47 14.90
N CYS D 46 40.19 19.85 13.77
CA CYS D 46 38.89 19.16 13.56
C CYS D 46 38.72 18.02 14.57
N SER D 47 39.83 17.43 15.04
CA SER D 47 39.87 16.36 16.07
C SER D 47 39.70 16.95 17.48
N GLY D 48 39.67 18.28 17.61
CA GLY D 48 39.58 18.99 18.90
C GLY D 48 40.92 19.05 19.61
N CYS D 49 42.02 18.86 18.87
CA CYS D 49 43.41 19.01 19.37
C CYS D 49 43.73 20.50 19.50
N ARG D 50 44.02 20.96 20.72
CA ARG D 50 44.36 22.37 21.05
C ARG D 50 45.76 22.67 20.49
N GLY D 51 46.52 21.64 20.13
CA GLY D 51 47.84 21.74 19.50
C GLY D 51 47.76 22.28 18.08
N THR D 52 48.87 22.80 17.56
CA THR D 52 48.98 23.48 16.24
C THR D 52 50.42 23.32 15.74
N VAL D 53 50.58 22.85 14.50
CA VAL D 53 51.88 22.56 13.83
C VAL D 53 52.45 23.87 13.28
N ARG D 54 53.69 24.21 13.63
CA ARG D 54 54.42 25.41 13.12
C ARG D 54 55.07 25.06 11.78
N ILE D 55 55.46 26.08 11.00
CA ILE D 55 56.05 25.90 9.64
C ILE D 55 57.41 25.18 9.76
N GLU D 56 58.25 25.58 10.72
CA GLU D 56 59.62 25.01 10.88
C GLU D 56 59.50 23.58 11.43
N MET D 57 58.46 23.30 12.23
CA MET D 57 58.04 21.93 12.63
C MET D 57 57.78 21.10 11.37
N PHE D 58 57.06 21.70 10.40
CA PHE D 58 56.68 21.06 9.10
C PHE D 58 57.93 20.78 8.26
N ARG D 59 58.87 21.73 8.21
CA ARG D 59 60.11 21.64 7.39
C ARG D 59 61.04 20.56 7.93
N ASN D 60 61.22 20.47 9.25
CA ASN D 60 62.35 19.76 9.89
C ASN D 60 61.93 18.34 10.34
N MET D 61 60.70 18.15 10.84
CA MET D 61 60.26 16.88 11.50
C MET D 61 59.57 15.95 10.48
N GLN D 62 59.50 14.65 10.83
CA GLN D 62 58.73 13.60 10.11
C GLN D 62 57.33 13.51 10.73
N ASN D 63 56.35 13.02 9.96
CA ASN D 63 54.91 12.98 10.33
C ASN D 63 54.72 12.24 11.66
N ALA D 64 55.41 11.11 11.87
CA ALA D 64 55.36 10.31 13.11
C ALA D 64 55.58 11.21 14.33
N GLU D 65 56.56 12.12 14.23
CA GLU D 65 56.97 13.01 15.35
C GLU D 65 55.95 14.16 15.49
N ILE D 66 55.54 14.78 14.37
CA ILE D 66 54.49 15.84 14.36
C ILE D 66 53.27 15.31 15.12
N ILE D 67 52.81 14.12 14.73
CA ILE D 67 51.60 13.44 15.30
C ILE D 67 51.82 13.18 16.80
N ARG D 68 53.00 12.67 17.18
CA ARG D 68 53.36 12.36 18.60
C ARG D 68 53.35 13.64 19.42
N LYS D 69 53.87 14.74 18.86
CA LYS D 69 53.88 16.09 19.50
C LYS D 69 52.44 16.53 19.75
N MET D 70 51.63 16.60 18.68
CA MET D 70 50.19 16.98 18.71
C MET D 70 49.40 16.04 19.61
N THR D 71 49.85 14.78 19.78
CA THR D 71 49.20 13.72 20.60
C THR D 71 49.18 14.13 22.08
N GLU D 72 50.13 14.98 22.52
CA GLU D 72 49.97 15.76 23.77
C GLU D 72 48.86 16.78 23.50
N GLU D 73 48.96 18.01 23.99
CA GLU D 73 48.17 19.18 23.48
C GLU D 73 46.65 18.96 23.49
N PHE D 74 46.16 17.79 23.94
CA PHE D 74 44.70 17.49 24.02
C PHE D 74 44.18 17.96 25.38
N ASP D 75 44.97 17.72 26.44
CA ASP D 75 44.74 18.18 27.84
C ASP D 75 43.62 17.33 28.47
N GLU D 76 42.46 17.25 27.81
CA GLU D 76 41.39 16.26 28.08
C GLU D 76 40.91 16.37 29.54
N ASP D 77 40.30 17.50 29.90
CA ASP D 77 39.32 17.60 31.00
C ASP D 77 37.99 17.01 30.49
N SER D 78 37.81 17.04 29.17
CA SER D 78 36.70 16.41 28.41
C SER D 78 37.29 15.51 27.30
N GLY D 79 36.61 14.40 26.99
CA GLY D 79 36.93 13.52 25.85
C GLY D 79 36.08 13.83 24.64
N ASP D 80 35.35 14.95 24.67
CA ASP D 80 34.51 15.46 23.55
C ASP D 80 35.43 15.93 22.41
N TYR D 81 35.15 15.48 21.18
CA TYR D 81 35.72 16.04 19.93
C TYR D 81 34.57 16.41 18.99
N PRO D 82 34.73 17.43 18.13
CA PRO D 82 33.64 17.96 17.30
C PRO D 82 32.70 16.94 16.64
N LEU D 83 33.23 15.82 16.15
CA LEU D 83 32.46 14.80 15.38
C LEU D 83 31.48 14.05 16.31
N THR D 84 31.74 14.03 17.62
CA THR D 84 30.89 13.35 18.64
C THR D 84 30.09 14.38 19.48
N MET D 85 30.55 15.63 19.57
CA MET D 85 29.83 16.69 20.34
C MET D 85 28.43 16.84 19.78
N PRO D 86 27.38 16.88 20.64
CA PRO D 86 26.00 16.80 20.18
C PRO D 86 25.38 18.18 19.93
N GLY D 87 24.13 18.21 19.47
CA GLY D 87 23.40 19.46 19.15
C GLY D 87 23.58 19.86 17.70
N PRO D 88 22.72 20.76 17.16
CA PRO D 88 22.56 20.92 15.72
C PRO D 88 23.68 21.65 14.97
N GLN D 89 24.49 22.47 15.65
CA GLN D 89 25.59 23.24 15.01
C GLN D 89 26.78 22.30 14.72
N TRP D 90 26.96 21.25 15.53
CA TRP D 90 28.05 20.25 15.37
C TRP D 90 27.65 19.19 14.33
N LYS D 91 26.35 19.05 14.05
CA LYS D 91 25.84 18.11 13.01
C LYS D 91 26.01 18.78 11.63
N LYS D 92 25.94 20.12 11.59
CA LYS D 92 26.24 20.94 10.39
C LYS D 92 27.77 21.01 10.22
N PHE D 93 28.54 20.88 11.31
CA PHE D 93 30.03 20.75 11.25
C PHE D 93 30.41 19.49 10.47
N ARG D 94 29.94 18.33 10.94
CA ARG D 94 30.17 17.00 10.30
C ARG D 94 29.82 17.07 8.82
N SER D 95 28.71 17.75 8.49
CA SER D 95 28.22 17.95 7.10
C SER D 95 29.21 18.81 6.31
N ASN D 96 29.70 19.89 6.93
CA ASN D 96 30.64 20.87 6.32
C ASN D 96 32.02 20.22 6.17
N PHE D 97 32.45 19.45 7.17
CA PHE D 97 33.73 18.69 7.18
C PHE D 97 33.79 17.78 5.95
N CYS D 98 32.75 16.95 5.77
CA CYS D 98 32.63 15.95 4.67
C CYS D 98 32.50 16.65 3.31
N GLU D 99 31.78 17.77 3.23
CA GLU D 99 31.53 18.50 1.96
C GLU D 99 32.82 19.23 1.54
N PHE D 100 33.55 19.81 2.51
CA PHE D 100 34.84 20.50 2.26
C PHE D 100 35.79 19.56 1.51
N ILE D 101 35.97 18.35 2.03
CA ILE D 101 36.87 17.30 1.45
C ILE D 101 36.42 17.00 0.02
N GLY D 102 35.11 16.79 -0.18
CA GLY D 102 34.51 16.56 -1.51
C GLY D 102 34.81 17.69 -2.48
N VAL D 103 34.49 18.92 -2.10
CA VAL D 103 34.66 20.14 -2.95
C VAL D 103 36.16 20.38 -3.19
N LEU D 104 37.00 20.22 -2.17
CA LEU D 104 38.47 20.46 -2.27
C LEU D 104 39.03 19.67 -3.46
N ILE D 105 38.72 18.37 -3.52
CA ILE D 105 39.27 17.42 -4.53
C ILE D 105 38.66 17.75 -5.90
N ARG D 106 37.35 17.97 -5.96
CA ARG D 106 36.62 18.31 -7.21
C ARG D 106 37.28 19.53 -7.88
N GLN D 107 37.67 20.54 -7.09
CA GLN D 107 38.29 21.80 -7.57
C GLN D 107 39.78 21.58 -7.94
N CYS D 108 40.42 20.57 -7.34
CA CYS D 108 41.88 20.29 -7.49
C CYS D 108 42.13 19.17 -8.53
N GLN D 109 41.07 18.63 -9.16
CA GLN D 109 41.11 17.28 -9.81
C GLN D 109 41.84 17.31 -11.16
N TYR D 110 42.13 18.49 -11.74
CA TYR D 110 42.75 18.62 -13.09
C TYR D 110 44.19 19.13 -12.99
N SER D 111 44.64 19.53 -11.79
CA SER D 111 45.92 20.26 -11.56
C SER D 111 46.63 19.71 -10.33
N ILE D 112 46.27 20.24 -9.16
CA ILE D 112 47.01 20.13 -7.87
C ILE D 112 47.04 18.67 -7.42
N ILE D 113 45.91 17.97 -7.56
CA ILE D 113 45.76 16.54 -7.15
C ILE D 113 46.92 15.73 -7.75
N TYR D 114 47.40 16.08 -8.95
CA TYR D 114 48.40 15.30 -9.73
C TYR D 114 49.84 15.75 -9.46
N ASP D 115 50.07 16.94 -8.91
CA ASP D 115 51.40 17.29 -8.33
C ASP D 115 51.67 16.22 -7.27
N GLU D 116 52.94 16.00 -6.90
CA GLU D 116 53.34 14.87 -6.02
C GLU D 116 53.67 15.43 -4.62
N TYR D 117 52.85 16.38 -4.14
CA TYR D 117 53.06 17.13 -2.88
C TYR D 117 51.78 17.11 -2.03
N MET D 118 50.67 17.62 -2.58
CA MET D 118 49.41 17.90 -1.83
C MET D 118 48.77 16.60 -1.35
N MET D 119 48.50 15.65 -2.25
CA MET D 119 47.77 14.40 -1.93
C MET D 119 48.65 13.46 -1.11
N ASP D 120 49.97 13.46 -1.35
CA ASP D 120 50.95 12.60 -0.63
C ASP D 120 51.06 13.07 0.83
N THR D 121 50.87 14.38 1.08
CA THR D 121 50.89 14.98 2.43
C THR D 121 49.62 14.58 3.18
N VAL D 122 48.45 14.89 2.61
CA VAL D 122 47.11 14.62 3.23
C VAL D 122 47.02 13.12 3.56
N ILE D 123 47.23 12.25 2.58
CA ILE D 123 47.08 10.77 2.74
C ILE D 123 48.07 10.28 3.80
N SER D 124 49.33 10.75 3.75
CA SER D 124 50.39 10.44 4.74
C SER D 124 49.91 10.85 6.14
N LEU D 125 49.34 12.05 6.27
CA LEU D 125 48.86 12.60 7.56
C LEU D 125 47.70 11.74 8.07
N LEU D 126 46.65 11.59 7.25
CA LEU D 126 45.39 10.87 7.63
C LEU D 126 45.73 9.43 8.03
N THR D 127 46.57 8.75 7.25
CA THR D 127 47.08 7.38 7.56
C THR D 127 47.72 7.38 8.95
N GLY D 128 48.62 8.33 9.20
CA GLY D 128 49.32 8.50 10.49
C GLY D 128 48.34 8.70 11.64
N LEU D 129 47.39 9.62 11.48
CA LEU D 129 46.34 9.94 12.50
C LEU D 129 45.45 8.72 12.71
N SER D 130 45.13 7.96 11.66
CA SER D 130 44.20 6.80 11.68
C SER D 130 44.77 5.65 12.52
N ASP D 131 46.06 5.69 12.86
CA ASP D 131 46.74 4.64 13.67
C ASP D 131 46.91 5.12 15.12
N SER D 132 46.72 6.41 15.39
CA SER D 132 46.85 7.04 16.74
C SER D 132 46.02 6.27 17.77
N GLN D 133 46.51 6.17 19.00
CA GLN D 133 45.77 5.60 20.16
C GLN D 133 44.65 6.56 20.59
N VAL D 134 44.63 7.78 20.04
CA VAL D 134 43.65 8.85 20.38
C VAL D 134 42.40 8.66 19.52
N ARG D 135 41.26 8.41 20.17
CA ARG D 135 39.92 8.19 19.55
C ARG D 135 39.64 9.32 18.55
N ALA D 136 39.73 10.57 19.01
CA ALA D 136 39.40 11.80 18.25
C ALA D 136 40.21 11.86 16.95
N PHE D 137 41.46 11.42 16.97
CA PHE D 137 42.36 11.37 15.79
C PHE D 137 41.91 10.25 14.85
N ARG D 138 41.64 9.06 15.39
CA ARG D 138 41.24 7.87 14.59
C ARG D 138 39.91 8.15 13.88
N HIS D 139 38.91 8.64 14.61
CA HIS D 139 37.55 8.96 14.09
C HIS D 139 37.65 10.02 12.99
N THR D 140 38.30 11.15 13.28
CA THR D 140 38.37 12.33 12.36
C THR D 140 39.12 11.96 11.08
N SER D 141 40.28 11.33 11.22
CA SER D 141 41.16 10.93 10.09
C SER D 141 40.43 9.88 9.23
N THR D 142 39.79 8.88 9.86
CA THR D 142 39.04 7.80 9.16
C THR D 142 37.91 8.42 8.35
N LEU D 143 37.08 9.28 8.96
CA LEU D 143 35.95 9.93 8.24
C LEU D 143 36.50 10.73 7.06
N ALA D 144 37.63 11.43 7.24
CA ALA D 144 38.27 12.27 6.20
C ALA D 144 38.75 11.37 5.05
N ALA D 145 39.45 10.27 5.39
CA ALA D 145 40.00 9.28 4.43
C ALA D 145 38.87 8.68 3.60
N MET D 146 37.77 8.28 4.24
CA MET D 146 36.61 7.63 3.56
C MET D 146 35.98 8.62 2.58
N LYS D 147 35.84 9.89 2.96
CA LYS D 147 35.25 10.96 2.11
C LYS D 147 36.23 11.34 1.00
N LEU D 148 37.53 11.36 1.32
CA LEU D 148 38.62 11.60 0.34
C LEU D 148 38.55 10.51 -0.75
N MET D 149 38.51 9.25 -0.32
CA MET D 149 38.38 8.06 -1.21
C MET D 149 37.22 8.29 -2.18
N THR D 150 36.02 8.55 -1.66
CA THR D 150 34.79 8.78 -2.46
C THR D 150 35.05 9.89 -3.49
N ALA D 151 35.77 10.95 -3.09
CA ALA D 151 36.13 12.09 -3.96
C ALA D 151 37.06 11.62 -5.08
N LEU D 152 38.01 10.74 -4.76
CA LEU D 152 38.98 10.15 -5.74
C LEU D 152 38.24 9.22 -6.70
N VAL D 153 37.22 8.49 -6.23
CA VAL D 153 36.37 7.61 -7.10
C VAL D 153 35.67 8.48 -8.14
N ASN D 154 35.16 9.64 -7.74
CA ASN D 154 34.50 10.62 -8.65
C ASN D 154 35.52 11.09 -9.70
N VAL D 155 36.77 11.32 -9.28
CA VAL D 155 37.89 11.75 -10.17
C VAL D 155 38.14 10.65 -11.21
N ALA D 156 38.20 9.38 -10.78
CA ALA D 156 38.39 8.19 -11.64
C ALA D 156 37.23 8.09 -12.64
N LEU D 157 36.00 8.18 -12.14
CA LEU D 157 34.74 8.19 -12.94
C LEU D 157 34.82 9.27 -14.02
N ASN D 158 35.29 10.47 -13.65
CA ASN D 158 35.43 11.64 -14.54
C ASN D 158 36.51 11.39 -15.61
N LEU D 159 37.65 10.83 -15.21
CA LEU D 159 38.75 10.47 -16.15
C LEU D 159 38.21 9.47 -17.18
N SER D 160 37.63 8.36 -16.70
CA SER D 160 37.14 7.23 -17.51
C SER D 160 36.19 7.72 -18.62
N ILE D 161 35.51 8.84 -18.40
CA ILE D 161 34.68 9.53 -19.44
C ILE D 161 35.63 10.19 -20.47
N HIS D 162 36.59 10.99 -20.00
CA HIS D 162 37.56 11.72 -20.86
C HIS D 162 38.48 10.72 -21.59
N GLN D 163 38.65 9.52 -21.03
CA GLN D 163 39.40 8.40 -21.67
C GLN D 163 38.53 7.80 -22.79
N ASP D 164 37.22 7.66 -22.56
CA ASP D 164 36.25 7.12 -23.55
C ASP D 164 35.97 8.15 -24.65
N ASN D 165 36.38 9.41 -24.46
CA ASN D 165 36.15 10.52 -25.43
C ASN D 165 37.44 10.85 -26.21
N THR D 166 38.61 10.56 -25.63
CA THR D 166 39.92 10.61 -26.33
C THR D 166 40.09 9.34 -27.18
N GLN D 167 39.27 8.31 -26.91
CA GLN D 167 39.28 7.02 -27.67
C GLN D 167 38.44 7.18 -28.94
N ARG D 168 37.17 7.62 -28.82
CA ARG D 168 36.28 7.91 -29.98
C ARG D 168 37.05 8.78 -30.99
N GLN D 169 37.70 9.83 -30.50
CA GLN D 169 38.31 10.91 -31.31
C GLN D 169 39.64 10.46 -31.92
N TYR D 170 40.34 9.52 -31.29
CA TYR D 170 41.61 8.92 -31.80
C TYR D 170 41.29 7.94 -32.93
N GLU D 171 40.27 7.09 -32.74
CA GLU D 171 39.88 5.99 -33.68
C GLU D 171 39.38 6.59 -35.00
N ALA D 172 38.51 7.60 -34.94
CA ALA D 172 37.88 8.25 -36.14
C ALA D 172 38.93 9.09 -36.89
N GLU D 173 40.03 9.46 -36.24
CA GLU D 173 41.18 10.18 -36.85
C GLU D 173 42.25 9.18 -37.31
N ARG D 174 42.28 7.98 -36.74
CA ARG D 174 43.23 6.89 -37.11
C ARG D 174 42.96 6.47 -38.57
N ASN D 175 41.72 6.64 -39.05
CA ASN D 175 41.27 6.32 -40.43
C ASN D 175 42.09 7.11 -41.46
N LYS D 176 42.60 8.30 -41.10
CA LYS D 176 43.53 9.11 -41.95
C LYS D 176 44.83 9.33 -41.19
N GLU D 184 48.29 14.16 -38.02
CA GLU D 184 48.71 15.51 -37.52
C GLU D 184 48.21 15.73 -36.09
N ARG D 185 46.89 15.58 -35.88
CA ARG D 185 46.24 15.61 -34.54
C ARG D 185 46.36 14.24 -33.87
N LEU D 186 46.82 13.23 -34.61
CA LEU D 186 46.91 11.81 -34.17
C LEU D 186 48.10 11.64 -33.20
N GLU D 187 49.19 12.39 -33.37
CA GLU D 187 50.35 12.39 -32.42
C GLU D 187 49.96 13.11 -31.13
N LEU D 188 48.89 13.93 -31.14
CA LEU D 188 48.35 14.63 -29.93
C LEU D 188 47.37 13.70 -29.19
N LEU D 189 46.35 13.19 -29.91
CA LEU D 189 45.31 12.28 -29.35
C LEU D 189 45.98 11.04 -28.72
N LEU D 190 47.10 10.59 -29.28
CA LEU D 190 47.90 9.44 -28.78
C LEU D 190 48.61 9.84 -27.47
N GLN D 191 49.02 11.11 -27.35
CA GLN D 191 49.75 11.66 -26.17
C GLN D 191 48.77 11.88 -25.01
N LYS D 192 47.58 12.44 -25.28
CA LYS D 192 46.56 12.75 -24.24
C LYS D 192 46.07 11.43 -23.63
N ARG D 193 45.68 10.46 -24.46
CA ARG D 193 45.20 9.13 -24.03
C ARG D 193 46.22 8.48 -23.07
N LYS D 194 47.52 8.72 -23.29
CA LYS D 194 48.63 8.22 -22.43
C LYS D 194 48.63 8.98 -21.09
N GLU D 195 48.50 10.31 -21.13
CA GLU D 195 48.47 11.18 -19.93
C GLU D 195 47.30 10.78 -19.02
N LEU D 196 46.10 10.68 -19.59
CA LEU D 196 44.86 10.25 -18.87
C LEU D 196 45.11 8.91 -18.17
N GLN D 197 45.83 7.99 -18.84
CA GLN D 197 46.17 6.65 -18.30
C GLN D 197 47.14 6.81 -17.12
N GLU D 198 48.09 7.76 -17.21
CA GLU D 198 49.05 8.10 -16.11
C GLU D 198 48.25 8.66 -14.92
N ASN D 199 47.35 9.62 -15.18
CA ASN D 199 46.41 10.19 -14.17
C ASN D 199 45.67 9.05 -13.48
N GLN D 200 44.95 8.24 -14.27
CA GLN D 200 44.12 7.10 -13.81
C GLN D 200 44.99 6.10 -13.03
N ASP D 201 46.28 5.99 -13.35
CA ASP D 201 47.26 5.13 -12.63
C ASP D 201 47.55 5.73 -11.24
N GLU D 202 47.69 7.06 -11.14
CA GLU D 202 48.00 7.77 -9.88
C GLU D 202 46.79 7.75 -8.94
N ILE D 203 45.60 8.05 -9.47
CA ILE D 203 44.32 8.06 -8.70
C ILE D 203 44.10 6.67 -8.10
N GLU D 204 44.28 5.62 -8.90
CA GLU D 204 44.21 4.20 -8.45
C GLU D 204 45.26 3.96 -7.36
N ASN D 205 46.46 4.54 -7.51
CA ASN D 205 47.58 4.42 -6.54
C ASN D 205 47.16 5.02 -5.19
N MET D 206 46.62 6.25 -5.21
CA MET D 206 46.20 7.01 -3.99
C MET D 206 45.11 6.22 -3.25
N MET D 207 44.04 5.87 -3.96
CA MET D 207 42.93 5.02 -3.45
C MET D 207 43.51 3.80 -2.72
N ASN D 208 44.45 3.11 -3.36
CA ASN D 208 45.05 1.85 -2.87
C ASN D 208 45.64 2.08 -1.47
N SER D 209 46.41 3.16 -1.29
CA SER D 209 47.12 3.50 -0.03
C SER D 209 46.10 3.93 1.04
N ILE D 210 45.01 4.59 0.64
CA ILE D 210 43.87 4.90 1.56
C ILE D 210 43.26 3.57 2.03
N PHE D 211 42.97 2.66 1.10
CA PHE D 211 42.23 1.41 1.37
C PHE D 211 43.06 0.48 2.27
N LYS D 212 44.32 0.23 1.88
CA LYS D 212 45.20 -0.77 2.55
C LYS D 212 45.90 -0.12 3.76
N GLY D 213 45.98 1.21 3.79
CA GLY D 213 46.60 1.98 4.89
C GLY D 213 45.61 2.33 5.98
N ILE D 214 44.36 2.66 5.61
CA ILE D 214 43.30 3.13 6.55
C ILE D 214 42.17 2.11 6.62
N PHE D 215 41.48 1.81 5.51
CA PHE D 215 40.19 1.09 5.50
C PHE D 215 40.34 -0.30 6.14
N VAL D 216 41.28 -1.11 5.66
CA VAL D 216 41.44 -2.53 6.08
C VAL D 216 41.70 -2.60 7.60
N HIS D 217 42.20 -1.52 8.19
CA HIS D 217 42.47 -1.42 9.66
C HIS D 217 41.26 -0.83 10.39
N ARG D 218 40.63 0.21 9.83
CA ARG D 218 39.62 1.04 10.52
C ARG D 218 38.22 0.41 10.45
N TYR D 219 37.96 -0.51 9.51
CA TYR D 219 36.66 -1.23 9.44
C TYR D 219 36.54 -2.21 10.61
N ARG D 220 37.69 -2.62 11.18
CA ARG D 220 37.78 -3.52 12.37
C ARG D 220 38.04 -2.71 13.64
N ASP D 221 37.97 -1.37 13.57
CA ASP D 221 38.29 -0.45 14.69
C ASP D 221 37.52 -0.88 15.95
N ALA D 222 38.09 -0.65 17.13
CA ALA D 222 37.47 -0.96 18.45
C ALA D 222 36.15 -0.18 18.58
N ILE D 223 36.10 1.06 18.07
CA ILE D 223 34.91 1.95 18.15
C ILE D 223 33.93 1.58 17.03
N ALA D 224 32.66 1.41 17.39
CA ALA D 224 31.55 1.00 16.50
C ALA D 224 31.34 2.06 15.42
N GLU D 225 31.33 3.34 15.79
CA GLU D 225 31.04 4.49 14.89
C GLU D 225 32.08 4.54 13.76
N ILE D 226 33.34 4.18 14.05
CA ILE D 226 34.44 4.17 13.03
C ILE D 226 34.21 3.01 12.06
N ARG D 227 33.93 1.81 12.58
CA ARG D 227 33.58 0.61 11.77
C ARG D 227 32.42 0.97 10.84
N ALA D 228 31.36 1.58 11.39
CA ALA D 228 30.13 2.00 10.69
C ALA D 228 30.48 2.98 9.55
N ILE D 229 31.40 3.91 9.81
CA ILE D 229 31.86 4.96 8.84
C ILE D 229 32.47 4.25 7.62
N CYS D 230 33.34 3.26 7.85
CA CYS D 230 34.03 2.48 6.79
C CYS D 230 32.99 1.71 5.96
N ILE D 231 32.14 0.91 6.61
CA ILE D 231 31.11 0.06 5.95
C ILE D 231 30.20 0.95 5.10
N GLU D 232 29.81 2.12 5.61
CA GLU D 232 28.90 3.04 4.87
C GLU D 232 29.53 3.40 3.52
N GLU D 233 30.82 3.75 3.51
CA GLU D 233 31.48 4.38 2.34
C GLU D 233 31.93 3.31 1.33
N ILE D 234 32.27 2.09 1.78
CA ILE D 234 32.59 0.98 0.84
C ILE D 234 31.32 0.63 0.05
N GLY D 235 30.16 0.76 0.70
CA GLY D 235 28.85 0.66 0.02
C GLY D 235 28.70 1.73 -1.05
N VAL D 236 29.14 2.96 -0.74
CA VAL D 236 29.06 4.15 -1.62
C VAL D 236 29.92 3.93 -2.87
N TRP D 237 31.13 3.38 -2.71
CA TRP D 237 32.09 3.14 -3.82
C TRP D 237 31.54 2.06 -4.74
N MET D 238 31.09 0.94 -4.17
CA MET D 238 30.57 -0.24 -4.92
C MET D 238 29.34 0.17 -5.74
N LYS D 239 28.53 1.10 -5.23
CA LYS D 239 27.33 1.65 -5.92
C LYS D 239 27.75 2.58 -7.06
N MET D 240 28.59 3.58 -6.78
CA MET D 240 28.91 4.69 -7.71
C MET D 240 29.86 4.22 -8.81
N TYR D 241 30.65 3.16 -8.56
CA TYR D 241 31.64 2.62 -9.53
C TYR D 241 31.70 1.10 -9.39
N SER D 242 30.61 0.42 -9.78
CA SER D 242 30.44 -1.06 -9.68
C SER D 242 31.46 -1.78 -10.57
N ASP D 243 31.86 -1.18 -11.69
CA ASP D 243 32.79 -1.78 -12.67
C ASP D 243 34.16 -2.03 -12.00
N ALA D 244 34.58 -1.16 -11.07
CA ALA D 244 35.88 -1.24 -10.36
C ALA D 244 35.71 -1.90 -8.98
N PHE D 245 34.63 -1.61 -8.26
CA PHE D 245 34.50 -1.88 -6.79
C PHE D 245 33.50 -3.00 -6.47
N LEU D 246 32.42 -3.18 -7.24
CA LEU D 246 31.42 -4.23 -6.94
C LEU D 246 31.98 -5.59 -7.37
N ASN D 247 32.78 -6.21 -6.50
CA ASN D 247 33.36 -7.56 -6.69
C ASN D 247 33.53 -8.23 -5.33
N ASP D 248 34.05 -9.46 -5.32
CA ASP D 248 34.13 -10.34 -4.12
C ASP D 248 35.19 -9.80 -3.14
N SER D 249 36.17 -9.03 -3.64
CA SER D 249 37.32 -8.52 -2.85
C SER D 249 36.91 -7.32 -1.99
N TYR D 250 35.87 -6.58 -2.38
CA TYR D 250 35.31 -5.44 -1.59
C TYR D 250 34.08 -5.90 -0.81
N LEU D 251 33.23 -6.75 -1.41
CA LEU D 251 31.99 -7.27 -0.78
C LEU D 251 32.32 -8.07 0.48
N LYS D 252 33.48 -8.74 0.54
CA LYS D 252 33.88 -9.62 1.69
C LYS D 252 33.92 -8.79 2.98
N TYR D 253 34.36 -7.53 2.90
CA TYR D 253 34.50 -6.61 4.06
C TYR D 253 33.13 -6.36 4.69
N VAL D 254 32.12 -6.08 3.85
CA VAL D 254 30.69 -5.97 4.28
C VAL D 254 30.23 -7.34 4.75
N GLY D 255 30.47 -8.38 3.95
CA GLY D 255 30.14 -9.79 4.25
C GLY D 255 30.55 -10.18 5.66
N TRP D 256 31.83 -9.99 6.01
CA TRP D 256 32.44 -10.40 7.31
C TRP D 256 31.84 -9.59 8.46
N THR D 257 31.50 -8.31 8.21
CA THR D 257 31.04 -7.35 9.24
C THR D 257 29.56 -7.56 9.56
N LEU D 258 28.82 -8.27 8.70
CA LEU D 258 27.35 -8.50 8.82
C LEU D 258 27.00 -8.96 10.24
N HIS D 259 27.83 -9.81 10.86
CA HIS D 259 27.66 -10.29 12.26
C HIS D 259 28.66 -9.56 13.16
N ASP D 260 28.51 -8.23 13.22
CA ASP D 260 29.22 -7.33 14.15
C ASP D 260 28.46 -7.29 15.48
N ARG D 261 29.19 -7.14 16.59
CA ARG D 261 28.63 -7.02 17.97
C ARG D 261 27.50 -5.99 18.02
N GLN D 262 27.62 -4.91 17.22
CA GLN D 262 26.85 -3.65 17.39
C GLN D 262 25.82 -3.48 16.27
N GLY D 263 24.62 -2.99 16.62
CA GLY D 263 23.47 -2.83 15.71
C GLY D 263 23.73 -1.81 14.62
N GLU D 264 24.23 -0.63 15.00
CA GLU D 264 24.48 0.50 14.06
C GLU D 264 25.40 0.03 12.93
N VAL D 265 26.35 -0.88 13.22
CA VAL D 265 27.30 -1.46 12.23
C VAL D 265 26.54 -2.47 11.35
N ARG D 266 25.74 -3.35 11.96
CA ARG D 266 24.94 -4.38 11.26
C ARG D 266 23.92 -3.66 10.34
N LEU D 267 23.31 -2.58 10.83
CA LEU D 267 22.40 -1.71 10.03
C LEU D 267 23.11 -1.23 8.76
N LYS D 268 24.36 -0.76 8.90
CA LYS D 268 25.12 -0.10 7.80
C LYS D 268 25.56 -1.14 6.78
N CYS D 269 25.79 -2.40 7.20
CA CYS D 269 26.04 -3.54 6.29
C CYS D 269 24.79 -3.80 5.44
N LEU D 270 23.60 -3.81 6.06
CA LEU D 270 22.32 -4.13 5.38
C LEU D 270 21.91 -2.96 4.47
N LYS D 271 21.99 -1.72 4.96
CA LYS D 271 21.67 -0.50 4.17
C LYS D 271 22.60 -0.41 2.95
N ALA D 272 23.87 -0.78 3.11
CA ALA D 272 24.90 -0.82 2.04
C ALA D 272 24.45 -1.79 0.94
N LEU D 273 24.12 -3.02 1.32
CA LEU D 273 23.73 -4.11 0.39
C LEU D 273 22.39 -3.78 -0.27
N GLN D 274 21.42 -3.27 0.51
CA GLN D 274 20.09 -2.82 0.02
C GLN D 274 20.29 -1.96 -1.25
N SER D 275 21.21 -1.00 -1.21
CA SER D 275 21.45 0.01 -2.27
C SER D 275 22.02 -0.64 -3.54
N LEU D 276 22.69 -1.80 -3.41
CA LEU D 276 23.24 -2.58 -4.55
C LEU D 276 22.15 -3.49 -5.12
N TYR D 277 21.46 -4.24 -4.26
CA TYR D 277 20.43 -5.25 -4.63
C TYR D 277 19.19 -4.56 -5.23
N THR D 278 18.97 -3.28 -4.94
CA THR D 278 17.83 -2.47 -5.50
C THR D 278 17.99 -2.30 -7.02
N ASN D 279 19.21 -2.49 -7.54
CA ASN D 279 19.52 -2.43 -9.00
C ASN D 279 19.69 -3.87 -9.51
N ARG D 280 18.68 -4.39 -10.21
CA ARG D 280 18.60 -5.81 -10.65
C ARG D 280 19.69 -6.07 -11.71
N GLU D 281 20.18 -5.02 -12.37
CA GLU D 281 21.29 -5.06 -13.36
C GLU D 281 22.57 -5.58 -12.70
N LEU D 282 22.76 -5.37 -11.39
CA LEU D 282 24.01 -5.67 -10.65
C LEU D 282 24.04 -7.12 -10.14
N PHE D 283 22.94 -7.88 -10.30
CA PHE D 283 22.74 -9.23 -9.70
C PHE D 283 23.82 -10.22 -10.13
N PRO D 284 24.26 -10.24 -11.41
CA PRO D 284 25.37 -11.11 -11.82
C PRO D 284 26.61 -10.95 -10.92
N LYS D 285 26.94 -9.72 -10.53
CA LYS D 285 28.12 -9.36 -9.70
C LYS D 285 27.85 -9.64 -8.22
N LEU D 286 26.58 -9.73 -7.80
CA LEU D 286 26.17 -10.01 -6.39
C LEU D 286 26.01 -11.52 -6.16
N GLU D 287 26.05 -12.34 -7.21
CA GLU D 287 25.51 -13.73 -7.19
C GLU D 287 26.28 -14.60 -6.21
N LEU D 288 27.61 -14.73 -6.39
CA LEU D 288 28.47 -15.60 -5.54
C LEU D 288 28.39 -15.12 -4.09
N PHE D 289 28.32 -13.80 -3.88
CA PHE D 289 28.25 -13.16 -2.54
C PHE D 289 26.94 -13.58 -1.84
N THR D 290 25.82 -13.53 -2.54
CA THR D 290 24.48 -13.91 -2.02
C THR D 290 24.52 -15.34 -1.46
N ASN D 291 25.05 -16.28 -2.24
CA ASN D 291 25.20 -17.71 -1.86
C ASN D 291 26.08 -17.80 -0.61
N ARG D 292 27.29 -17.22 -0.70
CA ARG D 292 28.33 -17.23 0.37
C ARG D 292 27.74 -16.76 1.70
N PHE D 293 26.96 -15.66 1.69
CA PHE D 293 26.50 -14.93 2.90
C PHE D 293 24.99 -15.08 3.09
N LYS D 294 24.36 -16.06 2.40
CA LYS D 294 22.91 -16.34 2.51
C LYS D 294 22.54 -16.65 3.97
N ASP D 295 23.29 -17.54 4.63
CA ASP D 295 23.05 -17.98 6.03
C ASP D 295 23.15 -16.77 6.98
N ARG D 296 24.20 -15.97 6.85
CA ARG D 296 24.47 -14.79 7.73
C ARG D 296 23.38 -13.73 7.52
N ILE D 297 23.11 -13.34 6.27
CA ILE D 297 22.08 -12.31 5.91
C ILE D 297 20.73 -12.74 6.48
N VAL D 298 20.35 -13.98 6.24
CA VAL D 298 18.94 -14.46 6.33
C VAL D 298 18.59 -14.74 7.80
N SER D 299 19.59 -15.06 8.64
CA SER D 299 19.46 -15.22 10.11
C SER D 299 19.18 -13.86 10.78
N MET D 300 19.50 -12.75 10.10
CA MET D 300 19.39 -11.37 10.64
C MET D 300 17.93 -10.88 10.58
N THR D 301 17.05 -11.58 9.86
CA THR D 301 15.60 -11.23 9.76
C THR D 301 14.93 -11.41 11.13
N LEU D 302 15.55 -12.22 12.02
CA LEU D 302 15.18 -12.34 13.46
C LEU D 302 16.40 -11.95 14.30
N ASP D 303 16.87 -10.71 14.16
CA ASP D 303 18.19 -10.25 14.67
C ASP D 303 18.24 -10.34 16.20
N LYS D 304 17.37 -9.59 16.88
CA LYS D 304 17.40 -9.30 18.34
C LYS D 304 17.09 -7.82 18.53
N GLU D 305 17.81 -6.97 17.78
CA GLU D 305 17.51 -5.52 17.61
C GLU D 305 16.47 -5.41 16.50
N TYR D 306 15.21 -5.13 16.85
CA TYR D 306 14.16 -4.71 15.89
C TYR D 306 14.73 -3.52 15.10
N ASP D 307 14.57 -3.53 13.78
CA ASP D 307 14.97 -2.47 12.83
C ASP D 307 16.25 -2.91 12.09
N VAL D 308 17.19 -3.56 12.78
CA VAL D 308 18.23 -4.40 12.11
C VAL D 308 17.47 -5.50 11.36
N ALA D 309 16.52 -6.12 12.07
CA ALA D 309 15.66 -7.23 11.59
C ALA D 309 14.82 -6.76 10.40
N VAL D 310 14.20 -5.58 10.49
CA VAL D 310 13.36 -4.98 9.41
C VAL D 310 14.23 -4.82 8.16
N GLU D 311 15.43 -4.24 8.31
CA GLU D 311 16.39 -3.97 7.20
C GLU D 311 16.83 -5.30 6.58
N ALA D 312 17.03 -6.33 7.41
CA ALA D 312 17.34 -7.72 6.96
C ALA D 312 16.17 -8.26 6.14
N ILE D 313 14.93 -8.08 6.62
CA ILE D 313 13.69 -8.54 5.91
C ILE D 313 13.56 -7.80 4.58
N ARG D 314 13.82 -6.48 4.55
CA ARG D 314 13.77 -5.66 3.32
C ARG D 314 14.85 -6.15 2.33
N LEU D 315 16.06 -6.43 2.83
CA LEU D 315 17.19 -6.92 2.00
C LEU D 315 16.77 -8.25 1.36
N VAL D 316 16.29 -9.20 2.15
CA VAL D 316 15.93 -10.57 1.69
C VAL D 316 14.80 -10.46 0.64
N THR D 317 13.86 -9.53 0.85
CA THR D 317 12.77 -9.22 -0.11
C THR D 317 13.38 -8.79 -1.45
N LEU D 318 14.30 -7.82 -1.44
CA LEU D 318 15.00 -7.29 -2.65
C LEU D 318 15.71 -8.42 -3.39
N ILE D 319 16.38 -9.31 -2.66
CA ILE D 319 17.17 -10.44 -3.22
C ILE D 319 16.22 -11.39 -3.95
N LEU D 320 15.05 -11.66 -3.36
CA LEU D 320 13.99 -12.54 -3.94
C LEU D 320 13.57 -11.98 -5.30
N HIS D 321 13.27 -10.69 -5.35
CA HIS D 321 12.69 -9.97 -6.53
C HIS D 321 13.65 -10.03 -7.73
N GLY D 322 14.93 -10.35 -7.52
CA GLY D 322 15.90 -10.64 -8.60
C GLY D 322 16.44 -12.06 -8.50
N1 O3A E . 10.96 -30.77 18.52
C4 O3A E . 10.72 -34.28 20.04
C5 O3A E . 10.45 -34.13 21.53
C6 O3A E . 9.01 -32.70 20.34
C7 O3A E . 10.44 -29.51 18.93
C8 O3A E . 11.22 -28.63 19.69
C10 O3A E . 9.39 -27.09 19.82
C1 O3A E . 11.15 -30.95 17.05
C11 O3A E . 8.60 -27.95 19.08
C12 O3A E . 9.11 -29.15 18.64
C2 O3A E . 11.22 -31.79 19.38
C3 O3A E . 10.21 -32.95 19.43
C9 O3A E . 10.69 -27.43 20.12
N2 O3A E . 9.52 -32.99 21.69
O1 O3A E . 12.16 -31.71 20.16
#